data_4PK5
#
_entry.id   4PK5
#
_cell.length_a   84.799
_cell.length_b   90.414
_cell.length_c   131.757
_cell.angle_alpha   90.00
_cell.angle_beta   90.00
_cell.angle_gamma   90.00
#
_symmetry.space_group_name_H-M   'P 21 21 21'
#
loop_
_entity.id
_entity.type
_entity.pdbx_description
1 polymer 'Indoleamine 2,3-dioxygenase 1'
2 non-polymer 'PROTOPORPHYRIN IX CONTAINING FE'
3 non-polymer N-(1,3-benzodioxol-5-yl)-2-{[5-(4-methylphenyl)[1,3]thiazolo[2,3-c][1,2,4]triazol-3-yl]sulfanyl}acetamide
4 water water
#
_entity_poly.entity_id   1
_entity_poly.type   'polypeptide(L)'
_entity_poly.pdbx_seq_one_letter_code
;MGSSHHHHHHSSGLVPRGSHMAHAMENSWTISKEYHIDEEVGFALPNPQENLPDFYNDWMFIAKHLPDLIESGQLRERVE
KLNMLSIDHLTDHKSQRLARLVLGCITMAYVWGKGHGDVRKVLPRNIAVPYCQLSKKLELPPILVYADCVLANWKKKDPN
KPLTYENMDVLFSFRDGDCSKGFFLVSLLVEIAAASAIKVIPTVFKAMQMQERDTLLKALLEIASCLEKALQVFHQIHDH
VNPKAFFSVLRIYLSGWKGNPQLSDGLVYEGFWEDPKEFAGGSAGQSSVFQCFDVLLGIQQTAGGGHAAQFLQDMRRYMP
PAHRNFLCSLESNPSVREFVLSKGDAGLREAYDACVKALVSLRSYHLQIVTKYILIPASQQPKENKTSEDPSKLEAKGTG
GTDLMNFLKTVRSTTEKSLLKEG
;
_entity_poly.pdbx_strand_id   A,B
#
loop_
_chem_comp.id
_chem_comp.type
_chem_comp.name
_chem_comp.formula
HEM non-polymer 'PROTOPORPHYRIN IX CONTAINING FE' 'C34 H32 Fe N4 O4'
PKJ non-polymer N-(1,3-benzodioxol-5-yl)-2-{[5-(4-methylphenyl)[1,3]thiazolo[2,3-c][1,2,4]triazol-3-yl]sulfanyl}acetamide 'C20 H16 N4 O3 S2'
#
# COMPACT_ATOMS: atom_id res chain seq x y z
N SER A 32 17.27 -9.94 8.24
CA SER A 32 16.25 -10.99 8.00
C SER A 32 16.07 -11.83 9.25
N LYS A 33 14.88 -11.77 9.86
CA LYS A 33 14.64 -12.48 11.11
C LYS A 33 13.28 -13.20 11.24
N GLU A 34 12.24 -12.39 11.31
CA GLU A 34 10.89 -12.85 11.19
C GLU A 34 10.19 -11.93 10.18
N TYR A 35 10.90 -11.73 9.06
CA TYR A 35 10.26 -11.45 7.79
C TYR A 35 9.83 -12.78 7.14
N HIS A 36 10.08 -13.89 7.85
CA HIS A 36 9.63 -15.18 7.38
C HIS A 36 10.19 -15.49 6.02
N ILE A 37 11.50 -15.37 5.91
CA ILE A 37 12.25 -15.71 4.69
C ILE A 37 13.24 -16.86 4.95
N ASP A 38 13.06 -17.98 4.27
CA ASP A 38 13.92 -19.13 4.49
C ASP A 38 15.31 -18.97 3.86
N GLU A 39 16.33 -19.38 4.62
CA GLU A 39 17.68 -19.51 4.10
C GLU A 39 17.71 -20.10 2.69
N GLU A 40 16.99 -21.19 2.47
CA GLU A 40 17.12 -21.91 1.21
C GLU A 40 15.93 -21.80 0.27
N VAL A 41 14.79 -21.33 0.78
CA VAL A 41 13.57 -21.40 0.00
C VAL A 41 12.87 -20.04 -0.16
N GLY A 42 13.50 -19.02 0.40
CA GLY A 42 13.07 -17.63 0.25
C GLY A 42 11.70 -17.35 0.80
N PHE A 43 10.82 -16.87 -0.08
CA PHE A 43 9.48 -16.48 0.34
C PHE A 43 8.51 -17.66 0.38
N ALA A 44 8.98 -18.81 -0.12
CA ALA A 44 8.16 -20.00 -0.18
C ALA A 44 8.03 -20.55 1.23
N LEU A 45 6.96 -21.29 1.48
CA LEU A 45 6.82 -21.97 2.76
C LEU A 45 7.81 -23.14 2.81
N PRO A 46 8.60 -23.21 3.89
CA PRO A 46 9.72 -24.14 4.05
C PRO A 46 9.39 -25.60 3.86
N ASN A 47 8.36 -26.12 4.51
CA ASN A 47 8.02 -27.52 4.26
C ASN A 47 6.56 -27.63 4.45
N PRO A 48 5.79 -27.31 3.39
CA PRO A 48 4.37 -27.16 3.59
C PRO A 48 3.76 -28.46 4.11
N GLN A 49 2.73 -28.35 4.92
CA GLN A 49 2.04 -29.51 5.44
C GLN A 49 1.13 -30.05 4.32
N GLU A 50 1.19 -31.36 4.06
CA GLU A 50 0.29 -31.99 3.09
C GLU A 50 -1.07 -32.46 3.65
N ASN A 51 -1.16 -32.65 4.97
CA ASN A 51 -2.39 -33.14 5.60
C ASN A 51 -2.92 -32.25 6.69
N LEU A 52 -4.24 -32.23 6.85
CA LEU A 52 -4.84 -31.55 7.96
C LEU A 52 -5.10 -32.52 9.16
N PRO A 53 -5.54 -31.96 10.32
CA PRO A 53 -6.28 -32.76 11.31
C PRO A 53 -7.48 -33.50 10.71
N ASP A 54 -7.71 -34.70 11.25
CA ASP A 54 -8.87 -35.53 10.96
C ASP A 54 -10.20 -34.78 10.95
N PHE A 55 -10.39 -33.92 11.94
CA PHE A 55 -11.59 -33.11 11.99
C PHE A 55 -11.95 -32.54 10.60
N TYR A 56 -10.99 -32.52 9.67
CA TYR A 56 -11.11 -31.74 8.43
C TYR A 56 -11.12 -32.58 7.14
N ASN A 57 -11.25 -33.90 7.29
CA ASN A 57 -11.34 -34.82 6.15
C ASN A 57 -12.38 -34.50 5.09
N ASP A 58 -13.50 -33.89 5.49
CA ASP A 58 -14.54 -33.50 4.51
C ASP A 58 -14.09 -32.41 3.54
N TRP A 59 -13.14 -31.61 3.99
CA TRP A 59 -12.45 -30.60 3.20
C TRP A 59 -11.44 -31.28 2.27
N MET A 60 -10.50 -32.04 2.85
CA MET A 60 -9.51 -32.78 2.11
C MET A 60 -10.08 -33.60 0.99
N PHE A 61 -11.19 -34.28 1.24
CA PHE A 61 -11.74 -35.11 0.19
C PHE A 61 -12.01 -34.25 -1.04
N ILE A 62 -12.80 -33.19 -0.87
CA ILE A 62 -13.15 -32.38 -2.02
C ILE A 62 -11.94 -31.82 -2.72
N ALA A 63 -11.11 -31.11 -1.96
CA ALA A 63 -9.91 -30.53 -2.52
C ALA A 63 -9.12 -31.54 -3.34
N LYS A 64 -8.85 -32.70 -2.75
CA LYS A 64 -7.99 -33.68 -3.39
C LYS A 64 -8.62 -34.36 -4.61
N HIS A 65 -9.84 -33.99 -4.98
CA HIS A 65 -10.50 -34.69 -6.07
C HIS A 65 -11.28 -33.68 -6.85
N LEU A 66 -10.74 -32.46 -6.86
CA LEU A 66 -11.35 -31.40 -7.58
C LEU A 66 -11.60 -31.79 -9.04
N PRO A 67 -10.60 -32.42 -9.71
CA PRO A 67 -10.82 -32.70 -11.13
C PRO A 67 -11.97 -33.68 -11.37
N ASP A 68 -12.07 -34.73 -10.56
CA ASP A 68 -13.15 -35.72 -10.73
C ASP A 68 -14.53 -35.20 -10.34
N LEU A 69 -14.62 -34.49 -9.23
CA LEU A 69 -15.88 -33.85 -8.87
C LEU A 69 -16.38 -32.82 -9.89
N ILE A 70 -15.49 -31.97 -10.42
CA ILE A 70 -15.99 -30.96 -11.36
C ILE A 70 -16.56 -31.66 -12.57
N GLU A 71 -15.78 -32.57 -13.12
CA GLU A 71 -16.06 -33.24 -14.38
C GLU A 71 -17.34 -34.04 -14.32
N SER A 72 -17.56 -34.71 -13.19
CA SER A 72 -18.76 -35.51 -13.00
C SER A 72 -19.95 -34.67 -12.60
N GLY A 73 -19.77 -33.36 -12.61
CA GLY A 73 -20.86 -32.45 -12.31
C GLY A 73 -21.41 -32.50 -10.88
N GLN A 74 -20.67 -33.10 -9.95
CA GLN A 74 -21.09 -33.02 -8.57
C GLN A 74 -20.17 -32.41 -7.50
N LEU A 75 -19.49 -31.31 -7.83
CA LEU A 75 -18.67 -30.64 -6.86
C LEU A 75 -19.57 -29.74 -6.00
N ARG A 76 -20.30 -28.85 -6.65
CA ARG A 76 -21.21 -27.99 -5.93
C ARG A 76 -22.04 -28.73 -4.86
N GLU A 77 -22.66 -29.83 -5.27
CA GLU A 77 -23.55 -30.59 -4.40
C GLU A 77 -22.77 -31.12 -3.21
N ARG A 78 -21.59 -31.65 -3.45
CA ARG A 78 -20.74 -32.09 -2.35
C ARG A 78 -20.33 -30.93 -1.44
N VAL A 79 -20.28 -29.73 -1.99
CA VAL A 79 -19.92 -28.59 -1.17
C VAL A 79 -21.13 -28.18 -0.36
N GLU A 80 -22.22 -27.83 -1.05
CA GLU A 80 -23.49 -27.45 -0.43
C GLU A 80 -23.96 -28.39 0.67
N LYS A 81 -23.43 -29.61 0.69
CA LYS A 81 -23.77 -30.67 1.64
C LYS A 81 -22.78 -30.73 2.81
N LEU A 82 -22.08 -29.63 3.10
CA LEU A 82 -20.94 -29.68 4.04
C LEU A 82 -21.24 -29.08 5.40
N ASN A 83 -20.65 -29.64 6.43
CA ASN A 83 -20.82 -29.04 7.74
C ASN A 83 -19.96 -27.79 7.93
N MET A 84 -20.56 -26.78 8.57
CA MET A 84 -19.79 -25.68 9.11
C MET A 84 -18.72 -26.24 10.03
N LEU A 85 -17.46 -25.95 9.72
CA LEU A 85 -16.37 -26.39 10.57
C LEU A 85 -15.61 -25.20 11.14
N SER A 86 -15.32 -25.32 12.43
CA SER A 86 -14.55 -24.32 13.13
C SER A 86 -13.10 -24.40 12.65
N ILE A 87 -12.44 -23.25 12.60
CA ILE A 87 -11.03 -23.20 12.22
C ILE A 87 -10.13 -23.42 13.42
N ASP A 88 -10.75 -23.65 14.57
CA ASP A 88 -10.05 -23.67 15.86
C ASP A 88 -9.20 -24.92 16.10
N HIS A 89 -9.29 -25.92 15.23
CA HIS A 89 -8.34 -27.04 15.27
C HIS A 89 -7.12 -26.86 14.35
N LEU A 90 -7.11 -25.75 13.61
CA LEU A 90 -5.91 -25.36 12.87
C LEU A 90 -5.08 -24.44 13.75
N THR A 91 -4.07 -24.98 14.42
CA THR A 91 -3.35 -24.25 15.50
C THR A 91 -2.09 -23.49 15.09
N ASP A 92 -1.34 -24.02 14.12
CA ASP A 92 -0.12 -23.36 13.70
C ASP A 92 -0.22 -22.75 12.31
N HIS A 93 0.81 -22.00 11.97
CA HIS A 93 0.87 -21.28 10.71
C HIS A 93 0.71 -22.24 9.51
N LYS A 94 1.47 -23.34 9.49
CA LYS A 94 1.49 -24.23 8.34
C LYS A 94 0.12 -24.76 7.98
N SER A 95 -0.56 -25.33 8.96
CA SER A 95 -1.92 -25.84 8.76
C SER A 95 -2.95 -24.75 8.40
N GLN A 96 -2.72 -23.53 8.84
CA GLN A 96 -3.61 -22.45 8.42
C GLN A 96 -3.39 -22.13 6.93
N ARG A 97 -2.12 -22.00 6.56
CA ARG A 97 -1.74 -21.86 5.20
C ARG A 97 -2.27 -23.01 4.33
N LEU A 98 -2.21 -24.24 4.84
CA LEU A 98 -2.76 -25.41 4.10
C LEU A 98 -4.26 -25.33 3.95
N ALA A 99 -4.91 -25.01 5.06
CA ALA A 99 -6.35 -24.86 5.08
C ALA A 99 -6.77 -23.81 4.08
N ARG A 100 -5.94 -22.78 3.90
CA ARG A 100 -6.26 -21.68 2.99
C ARG A 100 -6.18 -22.15 1.57
N LEU A 101 -5.24 -23.06 1.37
CA LEU A 101 -5.03 -23.64 0.09
C LEU A 101 -6.24 -24.52 -0.22
N VAL A 102 -6.55 -25.45 0.68
CA VAL A 102 -7.72 -26.29 0.51
C VAL A 102 -8.98 -25.49 0.18
N LEU A 103 -9.38 -24.59 1.08
CA LEU A 103 -10.59 -23.80 0.90
C LEU A 103 -10.56 -22.90 -0.33
N GLY A 104 -9.37 -22.42 -0.66
CA GLY A 104 -9.22 -21.52 -1.79
C GLY A 104 -9.48 -22.23 -3.09
N CYS A 105 -8.98 -23.46 -3.16
CA CYS A 105 -9.18 -24.33 -4.33
C CYS A 105 -10.63 -24.67 -4.56
N ILE A 106 -11.27 -25.18 -3.51
CA ILE A 106 -12.72 -25.40 -3.49
C ILE A 106 -13.49 -24.15 -3.95
N THR A 107 -13.14 -23.00 -3.38
CA THR A 107 -13.84 -21.80 -3.75
C THR A 107 -13.80 -21.57 -5.27
N MET A 108 -12.59 -21.54 -5.85
CA MET A 108 -12.44 -21.42 -7.32
C MET A 108 -13.29 -22.49 -8.00
N ALA A 109 -13.19 -23.74 -7.56
CA ALA A 109 -13.95 -24.79 -8.20
C ALA A 109 -15.46 -24.51 -8.12
N TYR A 110 -15.93 -24.12 -6.95
CA TYR A 110 -17.35 -23.91 -6.71
C TYR A 110 -17.85 -22.77 -7.56
N VAL A 111 -17.09 -21.70 -7.58
CA VAL A 111 -17.55 -20.50 -8.27
C VAL A 111 -17.71 -20.70 -9.78
N TRP A 112 -16.69 -21.31 -10.40
CA TRP A 112 -16.56 -21.35 -11.85
C TRP A 112 -17.02 -22.67 -12.40
N GLY A 113 -17.23 -23.64 -11.51
CA GLY A 113 -17.62 -24.98 -11.95
C GLY A 113 -16.72 -25.44 -13.07
N LYS A 114 -17.27 -25.66 -14.26
CA LYS A 114 -16.50 -26.15 -15.42
C LYS A 114 -15.99 -25.00 -16.28
N GLY A 115 -16.45 -23.79 -15.99
CA GLY A 115 -16.01 -22.60 -16.72
C GLY A 115 -16.53 -22.43 -18.12
N HIS A 116 -17.62 -23.12 -18.43
CA HIS A 116 -18.29 -22.90 -19.69
C HIS A 116 -19.41 -21.89 -19.46
N GLY A 117 -19.34 -21.19 -18.33
CA GLY A 117 -20.20 -20.04 -18.12
C GLY A 117 -21.32 -20.18 -17.11
N ASP A 118 -21.46 -21.33 -16.46
CA ASP A 118 -22.42 -21.43 -15.36
C ASP A 118 -21.77 -21.08 -14.01
N VAL A 119 -21.66 -19.80 -13.74
CA VAL A 119 -21.05 -19.33 -12.51
C VAL A 119 -21.97 -19.46 -11.28
N ARG A 120 -21.44 -19.71 -10.09
CA ARG A 120 -22.15 -19.43 -8.83
C ARG A 120 -21.67 -18.10 -8.22
N LYS A 121 -22.62 -17.22 -7.92
CA LYS A 121 -22.38 -15.87 -7.41
C LYS A 121 -22.47 -15.84 -5.88
N VAL A 122 -22.58 -16.98 -5.21
CA VAL A 122 -22.74 -16.93 -3.77
C VAL A 122 -22.01 -18.09 -3.13
N LEU A 123 -21.15 -17.83 -2.15
CA LEU A 123 -20.38 -18.90 -1.59
C LEU A 123 -20.95 -19.49 -0.26
N PRO A 124 -21.47 -20.72 -0.30
CA PRO A 124 -22.15 -21.27 0.87
C PRO A 124 -21.45 -20.99 2.20
N ARG A 125 -22.20 -20.45 3.14
CA ARG A 125 -21.77 -20.34 4.54
C ARG A 125 -20.78 -21.41 5.06
N ASN A 126 -21.07 -22.68 4.86
CA ASN A 126 -20.19 -23.74 5.40
C ASN A 126 -18.74 -23.65 4.88
N ILE A 127 -18.56 -22.84 3.83
CA ILE A 127 -17.27 -22.55 3.22
C ILE A 127 -16.87 -21.08 3.45
N ALA A 128 -17.71 -20.16 3.01
CA ALA A 128 -17.42 -18.74 3.10
C ALA A 128 -16.94 -18.32 4.48
N VAL A 129 -17.46 -18.95 5.52
CA VAL A 129 -17.31 -18.38 6.83
C VAL A 129 -15.94 -18.76 7.30
N PRO A 130 -15.64 -20.05 7.37
CA PRO A 130 -14.27 -20.36 7.82
C PRO A 130 -13.18 -19.69 6.93
N TYR A 131 -13.35 -19.75 5.62
CA TYR A 131 -12.36 -19.25 4.69
C TYR A 131 -12.08 -17.82 5.06
N CYS A 132 -13.15 -17.05 5.24
CA CYS A 132 -13.03 -15.66 5.59
C CYS A 132 -12.33 -15.40 6.90
N GLN A 133 -12.72 -16.16 7.94
CA GLN A 133 -12.08 -16.09 9.25
C GLN A 133 -10.61 -16.36 9.19
N LEU A 134 -10.26 -17.47 8.55
CA LEU A 134 -8.86 -17.83 8.29
C LEU A 134 -8.10 -16.74 7.49
N SER A 135 -8.69 -16.30 6.38
CA SER A 135 -8.18 -15.18 5.68
C SER A 135 -7.91 -13.96 6.59
N LYS A 136 -8.85 -13.62 7.47
CA LYS A 136 -8.68 -12.52 8.39
C LYS A 136 -7.53 -12.82 9.37
N LYS A 137 -7.42 -14.06 9.79
CA LYS A 137 -6.42 -14.41 10.80
C LYS A 137 -5.02 -14.33 10.20
N LEU A 138 -4.94 -14.48 8.88
CA LEU A 138 -3.68 -14.50 8.15
C LEU A 138 -3.49 -13.23 7.34
N GLU A 139 -4.44 -12.33 7.50
CA GLU A 139 -4.39 -11.01 6.88
C GLU A 139 -4.24 -11.10 5.37
N LEU A 140 -4.98 -12.03 4.79
CA LEU A 140 -4.96 -12.24 3.35
C LEU A 140 -6.37 -12.16 2.83
N PRO A 141 -6.55 -11.73 1.58
CA PRO A 141 -7.92 -11.69 1.08
C PRO A 141 -8.44 -13.13 0.93
N PRO A 142 -9.77 -13.33 1.02
CA PRO A 142 -10.29 -14.67 0.91
C PRO A 142 -10.52 -15.02 -0.58
N ILE A 143 -9.41 -15.20 -1.27
CA ILE A 143 -9.35 -15.69 -2.64
C ILE A 143 -7.97 -16.28 -2.81
N LEU A 144 -7.83 -17.15 -3.80
CA LEU A 144 -6.58 -17.90 -3.95
C LEU A 144 -5.48 -16.93 -4.37
N VAL A 145 -4.30 -17.06 -3.79
CA VAL A 145 -3.23 -16.16 -4.16
C VAL A 145 -1.97 -16.92 -4.45
N TYR A 146 -1.05 -16.25 -5.12
CA TYR A 146 0.30 -16.76 -5.31
C TYR A 146 0.95 -17.45 -4.09
N ALA A 147 0.79 -16.88 -2.91
CA ALA A 147 1.34 -17.52 -1.69
C ALA A 147 0.64 -18.83 -1.35
N ASP A 148 -0.55 -19.05 -1.90
CA ASP A 148 -1.26 -20.31 -1.73
C ASP A 148 -0.82 -21.32 -2.78
N CYS A 149 -1.12 -21.02 -4.04
CA CYS A 149 -0.93 -21.91 -5.15
C CYS A 149 0.50 -22.24 -5.46
N VAL A 150 1.39 -21.30 -5.22
CA VAL A 150 2.77 -21.50 -5.53
C VAL A 150 3.52 -21.69 -4.22
N LEU A 151 3.53 -20.68 -3.35
CA LEU A 151 4.43 -20.77 -2.17
C LEU A 151 4.18 -21.88 -1.16
N ALA A 152 2.99 -22.47 -1.17
CA ALA A 152 2.59 -23.40 -0.11
C ALA A 152 1.96 -24.70 -0.62
N ASN A 153 1.99 -24.89 -1.94
CA ASN A 153 1.29 -25.95 -2.63
C ASN A 153 2.26 -26.97 -3.25
N TRP A 154 3.19 -27.46 -2.43
CA TRP A 154 4.22 -28.37 -2.91
C TRP A 154 4.76 -29.29 -1.84
N LYS A 155 5.48 -30.32 -2.26
CA LYS A 155 6.16 -31.27 -1.38
C LYS A 155 7.41 -31.82 -2.04
N LYS A 156 8.44 -32.10 -1.26
CA LYS A 156 9.54 -32.96 -1.73
C LYS A 156 9.01 -34.37 -1.89
N LYS A 157 9.41 -35.11 -2.93
CA LYS A 157 9.05 -36.53 -2.97
C LYS A 157 9.95 -37.35 -2.03
N ASP A 158 11.27 -37.27 -2.23
CA ASP A 158 12.22 -37.84 -1.28
C ASP A 158 12.93 -36.73 -0.53
N PRO A 159 12.64 -36.61 0.78
CA PRO A 159 13.21 -35.58 1.68
C PRO A 159 14.74 -35.41 1.60
N ASN A 160 15.47 -36.51 1.42
CA ASN A 160 16.93 -36.48 1.45
C ASN A 160 17.50 -35.98 0.15
N LYS A 161 16.68 -35.98 -0.90
CA LYS A 161 17.11 -35.50 -2.21
C LYS A 161 16.84 -33.99 -2.38
N PRO A 162 17.56 -33.32 -3.31
CA PRO A 162 17.41 -31.87 -3.33
C PRO A 162 16.13 -31.39 -4.07
N LEU A 163 15.89 -30.08 -4.01
CA LEU A 163 14.75 -29.44 -4.68
C LEU A 163 14.95 -29.29 -6.19
N THR A 164 14.35 -30.21 -6.94
CA THR A 164 14.46 -30.24 -8.38
C THR A 164 13.10 -30.72 -8.84
N TYR A 165 12.64 -30.19 -9.96
CA TYR A 165 11.35 -30.61 -10.50
C TYR A 165 11.04 -32.10 -10.23
N GLU A 166 12.06 -32.91 -10.46
CA GLU A 166 11.94 -34.35 -10.43
C GLU A 166 11.63 -34.80 -9.03
N ASN A 167 12.17 -34.08 -8.05
CA ASN A 167 11.94 -34.43 -6.66
C ASN A 167 10.73 -33.74 -6.02
N MET A 168 9.86 -33.12 -6.84
CA MET A 168 8.77 -32.32 -6.26
C MET A 168 7.40 -32.57 -6.88
N ASP A 169 6.35 -32.33 -6.10
CA ASP A 169 4.99 -32.37 -6.63
C ASP A 169 4.11 -31.28 -5.98
N VAL A 170 3.00 -30.93 -6.62
CA VAL A 170 2.06 -30.00 -6.01
C VAL A 170 1.07 -30.80 -5.24
N LEU A 171 0.37 -30.16 -4.29
CA LEU A 171 -0.69 -30.83 -3.55
C LEU A 171 -2.08 -30.81 -4.25
N PHE A 172 -2.41 -29.81 -5.06
CA PHE A 172 -3.78 -29.73 -5.59
C PHE A 172 -3.77 -29.16 -6.96
N SER A 173 -4.68 -29.65 -7.78
CA SER A 173 -4.93 -29.06 -9.06
C SER A 173 -6.42 -29.09 -9.27
N PHE A 174 -6.84 -28.56 -10.41
CA PHE A 174 -8.21 -28.26 -10.67
C PHE A 174 -8.83 -29.19 -11.69
N ARG A 175 -8.11 -29.38 -12.80
CA ARG A 175 -8.56 -30.31 -13.84
C ARG A 175 -7.53 -31.34 -14.21
N ASP A 176 -7.95 -32.32 -15.00
CA ASP A 176 -7.01 -33.25 -15.60
C ASP A 176 -6.40 -32.58 -16.80
N GLY A 177 -5.06 -32.59 -16.88
CA GLY A 177 -4.34 -31.88 -17.93
C GLY A 177 -4.54 -30.37 -17.90
N ASP A 178 -4.72 -29.78 -16.71
CA ASP A 178 -4.64 -28.31 -16.55
C ASP A 178 -3.21 -27.82 -16.59
N CYS A 179 -2.24 -28.72 -16.53
CA CYS A 179 -0.85 -28.31 -16.44
C CYS A 179 -0.55 -27.42 -15.24
N SER A 180 -1.44 -27.43 -14.25
CA SER A 180 -1.27 -26.55 -13.15
C SER A 180 -0.01 -26.97 -12.44
N LYS A 181 0.36 -28.25 -12.51
CA LYS A 181 1.56 -28.69 -11.81
C LYS A 181 2.81 -27.96 -12.36
N GLY A 182 2.91 -27.91 -13.68
CA GLY A 182 4.10 -27.36 -14.31
C GLY A 182 4.16 -25.90 -14.03
N PHE A 183 3.01 -25.27 -14.10
CA PHE A 183 2.88 -23.83 -13.85
C PHE A 183 3.38 -23.40 -12.46
N PHE A 184 2.88 -24.10 -11.44
CA PHE A 184 3.16 -23.74 -10.07
C PHE A 184 4.55 -24.11 -9.73
N LEU A 185 4.93 -25.33 -10.09
CA LEU A 185 6.25 -25.81 -9.74
C LEU A 185 7.38 -25.03 -10.42
N VAL A 186 7.15 -24.61 -11.68
CA VAL A 186 8.20 -23.87 -12.29
C VAL A 186 8.30 -22.48 -11.71
N SER A 187 7.17 -21.80 -11.45
CA SER A 187 7.24 -20.50 -10.74
C SER A 187 8.00 -20.68 -9.43
N LEU A 188 7.70 -21.75 -8.71
CA LEU A 188 8.30 -21.93 -7.40
C LEU A 188 9.78 -22.17 -7.53
N LEU A 189 10.20 -22.94 -8.53
CA LEU A 189 11.64 -23.13 -8.72
C LEU A 189 12.26 -21.79 -9.03
N VAL A 190 11.62 -20.99 -9.89
CA VAL A 190 12.16 -19.65 -10.15
C VAL A 190 12.29 -18.82 -8.89
N GLU A 191 11.18 -18.76 -8.13
CA GLU A 191 11.16 -18.17 -6.80
C GLU A 191 12.40 -18.60 -6.03
N ILE A 192 12.54 -19.90 -5.77
CA ILE A 192 13.69 -20.39 -5.00
C ILE A 192 15.07 -20.04 -5.54
N ALA A 193 15.27 -20.10 -6.86
CA ALA A 193 16.51 -19.68 -7.51
C ALA A 193 16.95 -18.29 -7.07
N ALA A 194 15.97 -17.40 -6.94
CA ALA A 194 16.22 -16.03 -6.49
C ALA A 194 16.41 -15.89 -4.95
N ALA A 195 16.01 -16.89 -4.18
CA ALA A 195 16.35 -16.99 -2.75
C ALA A 195 17.78 -16.64 -2.55
N SER A 196 18.68 -17.35 -3.23
CA SER A 196 20.09 -17.12 -2.96
C SER A 196 20.47 -15.65 -3.07
N ALA A 197 19.90 -14.93 -4.02
CA ALA A 197 20.18 -13.50 -4.11
C ALA A 197 19.67 -12.75 -2.90
N ILE A 198 18.55 -13.18 -2.34
CA ILE A 198 18.01 -12.50 -1.18
C ILE A 198 19.02 -12.50 -0.01
N LYS A 199 19.73 -13.60 0.21
CA LYS A 199 20.68 -13.71 1.34
C LYS A 199 21.66 -12.57 1.33
N VAL A 200 21.91 -12.02 0.13
CA VAL A 200 22.99 -11.06 0.00
C VAL A 200 22.55 -9.62 0.14
N ILE A 201 21.24 -9.42 0.26
CA ILE A 201 20.70 -8.08 0.47
C ILE A 201 21.32 -7.42 1.71
N PRO A 202 21.32 -8.12 2.87
CA PRO A 202 21.90 -7.45 4.04
C PRO A 202 23.34 -6.95 3.77
N THR A 203 24.16 -7.79 3.10
CA THR A 203 25.54 -7.42 2.77
C THR A 203 25.59 -6.11 1.96
N VAL A 204 24.73 -6.01 0.97
CA VAL A 204 24.57 -4.77 0.21
C VAL A 204 24.36 -3.57 1.13
N PHE A 205 23.51 -3.67 2.15
CA PHE A 205 23.20 -2.44 2.93
C PHE A 205 24.31 -2.11 3.87
N LYS A 206 24.92 -3.17 4.38
CA LYS A 206 26.02 -3.04 5.28
C LYS A 206 27.17 -2.37 4.51
N ALA A 207 27.48 -2.89 3.32
CA ALA A 207 28.61 -2.37 2.54
C ALA A 207 28.38 -0.91 2.18
N MET A 208 27.14 -0.53 1.88
CA MET A 208 26.90 0.87 1.59
C MET A 208 27.28 1.79 2.72
N GLN A 209 26.88 1.48 3.94
CA GLN A 209 27.07 2.43 5.02
C GLN A 209 28.48 2.42 5.61
N MET A 210 29.14 1.25 5.56
CA MET A 210 30.54 1.07 5.95
C MET A 210 31.47 1.72 4.93
N GLN A 211 30.85 2.16 3.83
CA GLN A 211 31.55 2.63 2.61
C GLN A 211 32.61 1.61 2.17
N GLU A 212 32.17 0.45 1.74
CA GLU A 212 33.05 -0.64 1.49
C GLU A 212 32.97 -1.05 0.02
N ARG A 213 33.67 -0.32 -0.81
CA ARG A 213 33.48 -0.48 -2.25
C ARG A 213 33.73 -1.90 -2.77
N ASP A 214 34.84 -2.54 -2.42
CA ASP A 214 35.07 -3.83 -3.06
C ASP A 214 34.01 -4.88 -2.77
N THR A 215 33.55 -4.91 -1.51
CA THR A 215 32.47 -5.83 -1.01
C THR A 215 31.15 -5.65 -1.75
N LEU A 216 30.65 -4.42 -1.75
CA LEU A 216 29.47 -4.04 -2.50
C LEU A 216 29.51 -4.56 -3.94
N LEU A 217 30.64 -4.38 -4.62
CA LEU A 217 30.83 -4.90 -5.98
C LEU A 217 30.59 -6.39 -5.99
N LYS A 218 31.18 -7.07 -5.02
CA LYS A 218 31.10 -8.52 -5.00
C LYS A 218 29.64 -8.97 -4.82
N ALA A 219 28.90 -8.23 -4.00
CA ALA A 219 27.55 -8.60 -3.65
C ALA A 219 26.65 -8.33 -4.85
N LEU A 220 26.81 -7.17 -5.50
CA LEU A 220 26.01 -6.90 -6.66
C LEU A 220 26.23 -7.97 -7.72
N LEU A 221 27.48 -8.37 -7.96
CA LEU A 221 27.78 -9.39 -8.94
C LEU A 221 27.09 -10.69 -8.54
N GLU A 222 27.05 -10.94 -7.24
CA GLU A 222 26.50 -12.17 -6.72
C GLU A 222 24.99 -12.23 -6.98
N ILE A 223 24.32 -11.09 -6.90
CA ILE A 223 22.90 -11.03 -7.18
C ILE A 223 22.59 -11.28 -8.64
N ALA A 224 23.38 -10.68 -9.52
CA ALA A 224 23.16 -10.86 -10.95
C ALA A 224 23.35 -12.33 -11.28
N SER A 225 24.30 -12.98 -10.65
CA SER A 225 24.49 -14.40 -10.85
C SER A 225 23.20 -15.21 -10.57
N CYS A 226 22.53 -14.91 -9.46
CA CYS A 226 21.28 -15.58 -9.11
C CYS A 226 20.15 -15.28 -10.05
N LEU A 227 19.98 -14.02 -10.42
CA LEU A 227 18.98 -13.67 -11.41
C LEU A 227 19.26 -14.31 -12.76
N GLU A 228 20.52 -14.38 -13.14
CA GLU A 228 20.89 -15.06 -14.37
C GLU A 228 20.48 -16.54 -14.37
N LYS A 229 20.67 -17.22 -13.24
CA LYS A 229 20.35 -18.65 -13.12
C LYS A 229 18.84 -18.91 -13.06
N ALA A 230 18.14 -18.03 -12.36
CA ALA A 230 16.70 -18.04 -12.33
C ALA A 230 16.16 -17.98 -13.74
N LEU A 231 16.96 -17.56 -14.70
CA LEU A 231 16.46 -17.53 -16.05
C LEU A 231 16.61 -18.86 -16.73
N GLN A 232 17.71 -19.58 -16.45
CA GLN A 232 17.78 -20.95 -16.91
C GLN A 232 16.56 -21.71 -16.40
N VAL A 233 16.17 -21.45 -15.14
CA VAL A 233 15.04 -22.18 -14.57
C VAL A 233 13.78 -21.94 -15.36
N PHE A 234 13.47 -20.68 -15.58
CA PHE A 234 12.36 -20.32 -16.42
C PHE A 234 12.21 -21.20 -17.69
N HIS A 235 13.32 -21.73 -18.23
CA HIS A 235 13.24 -22.53 -19.49
C HIS A 235 12.40 -23.77 -19.36
N GLN A 236 12.38 -24.37 -18.17
CA GLN A 236 11.67 -25.59 -17.92
C GLN A 236 10.18 -25.48 -18.23
N ILE A 237 9.70 -24.28 -18.52
CA ILE A 237 8.28 -24.09 -18.62
C ILE A 237 7.76 -24.81 -19.83
N HIS A 238 8.58 -24.86 -20.87
CA HIS A 238 8.17 -25.45 -22.12
C HIS A 238 7.92 -26.95 -21.90
N ASP A 239 8.80 -27.60 -21.14
CA ASP A 239 8.70 -29.02 -20.90
C ASP A 239 7.49 -29.50 -20.10
N HIS A 240 6.75 -28.62 -19.43
CA HIS A 240 5.70 -29.10 -18.50
C HIS A 240 4.41 -28.33 -18.55
N VAL A 241 4.26 -27.49 -19.55
CA VAL A 241 3.02 -26.72 -19.69
C VAL A 241 2.68 -26.66 -21.17
N ASN A 242 1.44 -26.98 -21.47
CA ASN A 242 0.96 -27.03 -22.83
C ASN A 242 -0.02 -25.89 -23.08
N PRO A 243 0.30 -25.05 -24.08
CA PRO A 243 -0.41 -23.85 -24.49
C PRO A 243 -1.92 -23.99 -24.53
N LYS A 244 -2.43 -25.06 -25.12
CA LYS A 244 -3.87 -25.18 -25.33
C LYS A 244 -4.57 -25.32 -23.99
N ALA A 245 -4.09 -26.28 -23.21
CA ALA A 245 -4.66 -26.61 -21.91
C ALA A 245 -4.43 -25.46 -20.94
N PHE A 246 -3.25 -24.86 -20.98
CA PHE A 246 -3.00 -23.75 -20.10
C PHE A 246 -4.00 -22.61 -20.32
N PHE A 247 -4.22 -22.24 -21.57
CA PHE A 247 -5.08 -21.11 -21.87
C PHE A 247 -6.56 -21.35 -21.68
N SER A 248 -7.02 -22.55 -21.98
CA SER A 248 -8.46 -22.78 -22.02
C SER A 248 -8.94 -23.45 -20.73
N VAL A 249 -8.02 -23.78 -19.85
CA VAL A 249 -8.42 -24.53 -18.69
C VAL A 249 -7.93 -23.85 -17.41
N LEU A 250 -6.64 -23.64 -17.28
CA LEU A 250 -6.13 -23.00 -16.09
C LEU A 250 -6.66 -21.57 -15.91
N ARG A 251 -6.61 -20.74 -16.94
CA ARG A 251 -7.11 -19.38 -16.91
C ARG A 251 -8.47 -19.19 -16.20
N ILE A 252 -9.34 -20.20 -16.24
CA ILE A 252 -10.65 -20.00 -15.63
C ILE A 252 -10.55 -19.99 -14.11
N TYR A 253 -9.87 -20.99 -13.55
CA TYR A 253 -9.68 -21.09 -12.10
C TYR A 253 -8.72 -20.04 -11.49
N LEU A 254 -8.02 -19.26 -12.31
CA LEU A 254 -7.18 -18.25 -11.74
C LEU A 254 -7.85 -16.92 -11.78
N SER A 255 -9.05 -16.90 -12.35
CA SER A 255 -9.80 -15.67 -12.51
C SER A 255 -10.42 -15.35 -11.21
N GLY A 256 -10.51 -14.08 -10.93
CA GLY A 256 -11.11 -13.60 -9.69
C GLY A 256 -12.32 -12.75 -9.97
N TRP A 257 -12.70 -11.97 -8.98
CA TRP A 257 -13.95 -11.23 -9.10
C TRP A 257 -13.88 -9.70 -9.07
N LYS A 258 -12.69 -9.15 -9.22
CA LYS A 258 -12.51 -7.71 -9.33
C LYS A 258 -12.62 -7.28 -10.78
N GLY A 259 -13.64 -6.50 -11.10
CA GLY A 259 -13.79 -5.97 -12.46
C GLY A 259 -13.96 -7.09 -13.47
N ASN A 260 -14.58 -8.18 -13.04
CA ASN A 260 -14.89 -9.24 -13.96
C ASN A 260 -16.33 -9.12 -14.44
N PRO A 261 -16.54 -9.05 -15.76
CA PRO A 261 -17.87 -8.99 -16.36
C PRO A 261 -18.82 -10.10 -15.87
N GLN A 262 -18.31 -11.31 -15.66
CA GLN A 262 -19.14 -12.41 -15.15
C GLN A 262 -19.64 -12.25 -13.70
N LEU A 263 -19.00 -11.35 -12.94
CA LEU A 263 -19.34 -11.12 -11.53
C LEU A 263 -19.21 -9.66 -11.24
N SER A 264 -19.95 -8.83 -11.98
CA SER A 264 -19.73 -7.39 -11.93
C SER A 264 -19.66 -6.83 -10.50
N ASP A 265 -20.42 -7.39 -9.57
CA ASP A 265 -20.39 -6.79 -8.23
C ASP A 265 -19.55 -7.57 -7.24
N GLY A 266 -19.14 -8.77 -7.65
CA GLY A 266 -18.21 -9.59 -6.84
C GLY A 266 -18.90 -10.77 -6.20
N LEU A 267 -18.20 -11.43 -5.30
CA LEU A 267 -18.76 -12.60 -4.68
C LEU A 267 -19.49 -12.28 -3.36
N VAL A 268 -20.47 -13.11 -3.02
CA VAL A 268 -21.13 -12.97 -1.75
C VAL A 268 -20.55 -14.01 -0.84
N TYR A 269 -19.86 -13.53 0.18
CA TYR A 269 -19.32 -14.42 1.18
C TYR A 269 -20.41 -14.58 2.23
N GLU A 270 -21.13 -15.68 2.12
CA GLU A 270 -22.34 -15.88 2.89
C GLU A 270 -22.10 -16.10 4.36
N GLY A 271 -22.76 -15.26 5.17
CA GLY A 271 -22.70 -15.33 6.63
C GLY A 271 -21.50 -14.62 7.20
N PHE A 272 -20.96 -13.68 6.44
CA PHE A 272 -19.76 -12.94 6.82
C PHE A 272 -19.83 -11.53 6.24
N TRP A 273 -20.43 -11.34 5.08
CA TRP A 273 -20.64 -9.99 4.59
C TRP A 273 -22.03 -9.78 3.99
N GLU A 274 -22.75 -8.82 4.54
CA GLU A 274 -24.09 -8.47 4.04
C GLU A 274 -23.94 -7.73 2.71
N ASP A 275 -22.98 -8.18 1.89
CA ASP A 275 -22.54 -7.47 0.65
C ASP A 275 -21.53 -8.26 -0.26
N PRO A 276 -21.58 -8.00 -1.58
CA PRO A 276 -20.66 -8.73 -2.45
C PRO A 276 -19.26 -8.07 -2.44
N LYS A 277 -18.20 -8.86 -2.30
CA LYS A 277 -16.82 -8.32 -2.28
C LYS A 277 -15.99 -8.55 -3.56
N GLU A 278 -15.29 -7.53 -4.03
CA GLU A 278 -14.49 -7.64 -5.24
C GLU A 278 -13.02 -7.92 -4.94
N PHE A 279 -12.53 -9.07 -5.37
CA PHE A 279 -11.11 -9.38 -5.16
C PHE A 279 -10.42 -9.78 -6.45
N ALA A 280 -9.17 -9.35 -6.62
CA ALA A 280 -8.42 -9.67 -7.83
C ALA A 280 -7.99 -11.15 -7.98
N GLY A 281 -8.04 -11.63 -9.23
CA GLY A 281 -7.58 -12.99 -9.57
C GLY A 281 -6.06 -13.11 -9.45
N GLY A 282 -5.56 -14.34 -9.45
CA GLY A 282 -4.13 -14.62 -9.20
C GLY A 282 -3.27 -13.83 -10.18
N SER A 283 -2.23 -13.20 -9.67
CA SER A 283 -1.28 -12.45 -10.48
C SER A 283 0.10 -12.70 -9.89
N ALA A 284 1.12 -12.93 -10.73
CA ALA A 284 2.47 -13.10 -10.16
C ALA A 284 3.09 -11.75 -9.80
N GLY A 285 2.33 -10.68 -10.03
CA GLY A 285 2.54 -9.41 -9.36
C GLY A 285 2.53 -9.59 -7.85
N GLN A 286 1.95 -10.68 -7.36
CA GLN A 286 1.86 -10.97 -5.93
C GLN A 286 3.14 -11.64 -5.45
N SER A 287 4.04 -11.93 -6.40
CA SER A 287 5.36 -12.46 -6.02
C SER A 287 6.28 -11.40 -5.41
N SER A 288 6.63 -11.60 -4.15
CA SER A 288 7.54 -10.70 -3.47
C SER A 288 8.87 -10.57 -4.21
N VAL A 289 9.34 -11.68 -4.78
CA VAL A 289 10.68 -11.76 -5.30
C VAL A 289 10.96 -10.66 -6.33
N PHE A 290 10.09 -10.53 -7.30
CA PHE A 290 10.34 -9.55 -8.32
C PHE A 290 10.09 -8.13 -7.82
N GLN A 291 9.29 -8.01 -6.78
CA GLN A 291 9.04 -6.71 -6.27
C GLN A 291 10.22 -6.27 -5.39
N CYS A 292 10.79 -7.24 -4.70
CA CYS A 292 11.90 -7.00 -3.82
C CYS A 292 13.14 -6.48 -4.60
N PHE A 293 13.51 -7.14 -5.69
CA PHE A 293 14.60 -6.64 -6.52
C PHE A 293 14.29 -5.34 -7.26
N ASP A 294 13.05 -5.14 -7.65
CA ASP A 294 12.64 -3.81 -8.11
C ASP A 294 12.94 -2.76 -7.04
N VAL A 295 12.66 -3.06 -5.77
CA VAL A 295 12.86 -2.08 -4.72
C VAL A 295 14.33 -1.85 -4.42
N LEU A 296 15.02 -2.91 -4.02
CA LEU A 296 16.47 -2.90 -3.85
C LEU A 296 17.19 -2.12 -4.94
N LEU A 297 16.93 -2.44 -6.20
CA LEU A 297 17.62 -1.77 -7.26
C LEU A 297 17.11 -0.39 -7.55
N GLY A 298 16.05 0.01 -6.88
CA GLY A 298 15.52 1.35 -7.10
C GLY A 298 14.91 1.51 -8.47
N ILE A 299 14.40 0.42 -9.04
CA ILE A 299 13.54 0.57 -10.22
C ILE A 299 12.20 1.12 -9.71
N GLN A 300 11.72 2.15 -10.40
CA GLN A 300 10.59 2.94 -9.88
C GLN A 300 9.25 2.33 -10.22
N GLN A 301 8.96 1.14 -9.66
CA GLN A 301 7.69 0.43 -9.97
C GLN A 301 6.47 1.13 -9.37
N THR A 302 6.68 2.38 -8.95
CA THR A 302 5.60 3.33 -8.74
C THR A 302 5.91 4.66 -9.47
N ALA A 303 6.03 4.53 -10.81
CA ALA A 303 6.24 5.64 -11.74
C ALA A 303 4.92 6.39 -11.98
N GLY A 304 4.81 7.56 -11.34
CA GLY A 304 3.57 8.35 -11.27
C GLY A 304 2.47 7.56 -10.56
N GLY A 305 1.25 7.73 -11.06
CA GLY A 305 0.13 6.90 -10.65
C GLY A 305 -0.33 6.03 -11.82
N GLY A 306 0.59 5.69 -12.73
CA GLY A 306 0.29 4.87 -13.93
C GLY A 306 -0.36 3.56 -13.56
N HIS A 307 -1.21 3.02 -14.44
CA HIS A 307 -1.95 1.81 -14.09
C HIS A 307 -0.99 0.72 -13.55
N ALA A 308 0.08 0.45 -14.32
CA ALA A 308 1.06 -0.57 -13.98
C ALA A 308 1.57 -0.38 -12.56
N ALA A 309 2.01 0.83 -12.25
CA ALA A 309 2.50 1.15 -10.90
C ALA A 309 1.43 0.85 -9.84
N GLN A 310 0.25 1.44 -10.00
CA GLN A 310 -0.81 1.25 -9.04
C GLN A 310 -1.09 -0.23 -8.79
N PHE A 311 -1.26 -0.97 -9.87
CA PHE A 311 -1.53 -2.39 -9.79
C PHE A 311 -0.50 -3.14 -8.98
N LEU A 312 0.79 -3.01 -9.30
CA LEU A 312 1.80 -3.69 -8.48
C LEU A 312 1.71 -3.30 -7.03
N GLN A 313 1.49 -2.03 -6.74
CA GLN A 313 1.20 -1.65 -5.37
C GLN A 313 0.00 -2.38 -4.76
N ASP A 314 -1.11 -2.45 -5.50
CA ASP A 314 -2.31 -3.20 -5.06
C ASP A 314 -1.94 -4.60 -4.67
N MET A 315 -1.24 -5.28 -5.56
CA MET A 315 -0.88 -6.68 -5.36
C MET A 315 -0.10 -6.96 -4.09
N ARG A 316 0.49 -5.92 -3.50
CA ARG A 316 1.22 -6.08 -2.22
C ARG A 316 0.29 -6.54 -1.13
N ARG A 317 -0.95 -6.05 -1.16
CA ARG A 317 -1.92 -6.44 -0.18
C ARG A 317 -2.32 -7.90 -0.29
N TYR A 318 -2.00 -8.56 -1.41
CA TYR A 318 -2.33 -9.97 -1.59
C TYR A 318 -1.13 -10.85 -1.26
N MET A 319 -0.14 -10.30 -0.56
CA MET A 319 0.99 -11.09 -0.12
C MET A 319 0.91 -11.22 1.37
N PRO A 320 1.60 -12.23 1.94
CA PRO A 320 1.61 -12.38 3.41
C PRO A 320 2.09 -11.10 4.09
N PRO A 321 1.70 -10.83 5.36
CA PRO A 321 2.13 -9.54 5.92
C PRO A 321 3.66 -9.46 6.18
N ALA A 322 4.26 -10.49 6.78
CA ALA A 322 5.73 -10.55 6.85
C ALA A 322 6.39 -10.03 5.57
N HIS A 323 5.97 -10.57 4.43
CA HIS A 323 6.60 -10.24 3.16
C HIS A 323 6.30 -8.83 2.75
N ARG A 324 5.07 -8.37 2.97
CA ARG A 324 4.67 -6.97 2.79
C ARG A 324 5.61 -6.05 3.58
N ASN A 325 5.86 -6.33 4.86
CA ASN A 325 6.84 -5.58 5.68
C ASN A 325 8.23 -5.54 5.09
N PHE A 326 8.71 -6.69 4.67
CA PHE A 326 9.98 -6.76 4.03
C PHE A 326 10.13 -5.75 2.86
N LEU A 327 9.20 -5.73 1.91
CA LEU A 327 9.30 -4.75 0.81
C LEU A 327 9.30 -3.35 1.38
N CYS A 328 8.44 -3.15 2.35
CA CYS A 328 8.28 -1.87 2.94
C CYS A 328 9.61 -1.41 3.60
N SER A 329 10.29 -2.30 4.34
CA SER A 329 11.51 -1.86 5.02
C SER A 329 12.74 -1.71 4.12
N LEU A 330 12.81 -2.48 3.04
CA LEU A 330 13.72 -2.13 1.95
C LEU A 330 13.56 -0.69 1.44
N GLU A 331 12.31 -0.22 1.28
CA GLU A 331 12.10 1.13 0.76
C GLU A 331 12.60 2.19 1.72
N SER A 332 12.75 1.82 2.98
CA SER A 332 13.27 2.74 3.99
C SER A 332 14.79 2.73 4.16
N ASN A 333 15.52 1.96 3.35
CA ASN A 333 16.97 2.08 3.34
C ASN A 333 17.40 3.03 2.24
N PRO A 334 18.64 3.55 2.32
CA PRO A 334 19.18 4.45 1.30
C PRO A 334 19.23 3.68 -0.02
N SER A 335 18.86 4.37 -1.07
CA SER A 335 18.87 3.84 -2.41
C SER A 335 20.25 3.25 -2.74
N VAL A 336 20.24 2.01 -3.24
CA VAL A 336 21.43 1.42 -3.82
C VAL A 336 21.76 2.20 -5.11
N ARG A 337 20.75 2.67 -5.82
CA ARG A 337 20.96 3.41 -7.04
C ARG A 337 21.61 4.75 -6.77
N GLU A 338 21.20 5.45 -5.72
CA GLU A 338 21.72 6.79 -5.52
C GLU A 338 23.18 6.63 -5.21
N PHE A 339 23.47 5.63 -4.40
CA PHE A 339 24.79 5.39 -4.01
C PHE A 339 25.70 5.10 -5.20
N VAL A 340 25.19 4.39 -6.19
CA VAL A 340 26.03 4.03 -7.31
C VAL A 340 26.22 5.19 -8.27
N LEU A 341 25.15 5.94 -8.54
CA LEU A 341 25.20 7.13 -9.39
C LEU A 341 26.18 8.18 -8.85
N SER A 342 26.40 8.14 -7.55
CA SER A 342 27.14 9.17 -6.92
C SER A 342 28.64 8.91 -6.94
N LYS A 343 29.09 7.74 -7.40
CA LYS A 343 30.46 7.35 -7.08
C LYS A 343 31.46 7.30 -8.22
N GLY A 344 31.02 7.45 -9.47
CA GLY A 344 31.94 7.55 -10.65
C GLY A 344 32.95 6.40 -10.80
N ASP A 345 32.41 5.20 -10.71
CA ASP A 345 33.16 3.99 -10.54
C ASP A 345 32.57 3.10 -11.61
N ALA A 346 33.32 2.84 -12.66
CA ALA A 346 32.75 2.11 -13.78
C ALA A 346 32.40 0.65 -13.42
N GLY A 347 33.23 0.03 -12.58
CA GLY A 347 33.07 -1.35 -12.21
C GLY A 347 31.88 -1.57 -11.29
N LEU A 348 31.49 -0.53 -10.53
CA LEU A 348 30.26 -0.56 -9.74
C LEU A 348 29.06 -0.37 -10.64
N ARG A 349 29.19 0.55 -11.60
CA ARG A 349 28.07 0.87 -12.47
C ARG A 349 27.74 -0.32 -13.32
N GLU A 350 28.74 -1.12 -13.64
CA GLU A 350 28.52 -2.32 -14.44
C GLU A 350 27.97 -3.49 -13.61
N ALA A 351 28.33 -3.58 -12.34
CA ALA A 351 27.75 -4.59 -11.47
C ALA A 351 26.24 -4.29 -11.34
N TYR A 352 25.93 -3.07 -10.90
CA TYR A 352 24.56 -2.65 -10.84
C TYR A 352 23.86 -2.82 -12.17
N ASP A 353 24.54 -2.61 -13.29
CA ASP A 353 23.85 -2.80 -14.55
C ASP A 353 23.61 -4.25 -14.87
N ALA A 354 24.51 -5.11 -14.42
CA ALA A 354 24.33 -6.54 -14.62
C ALA A 354 23.03 -7.00 -13.93
N CYS A 355 22.84 -6.66 -12.64
CA CYS A 355 21.57 -6.88 -11.95
C CYS A 355 20.35 -6.41 -12.71
N VAL A 356 20.36 -5.16 -13.16
CA VAL A 356 19.26 -4.60 -13.95
C VAL A 356 19.06 -5.33 -15.30
N LYS A 357 20.14 -5.66 -16.02
CA LYS A 357 20.02 -6.48 -17.23
C LYS A 357 19.34 -7.80 -16.96
N ALA A 358 19.76 -8.46 -15.88
CA ALA A 358 19.25 -9.76 -15.59
C ALA A 358 17.71 -9.70 -15.51
N LEU A 359 17.19 -8.68 -14.81
CA LEU A 359 15.75 -8.49 -14.68
C LEU A 359 15.11 -8.22 -16.00
N VAL A 360 15.74 -7.35 -16.76
CA VAL A 360 15.27 -7.13 -18.12
C VAL A 360 15.16 -8.45 -18.90
N SER A 361 16.18 -9.31 -18.81
CA SER A 361 16.12 -10.60 -19.47
C SER A 361 14.90 -11.39 -19.06
N LEU A 362 14.77 -11.66 -17.76
CA LEU A 362 13.64 -12.41 -17.24
C LEU A 362 12.36 -11.86 -17.84
N ARG A 363 12.19 -10.55 -17.72
CA ARG A 363 10.96 -9.98 -18.23
C ARG A 363 10.79 -10.14 -19.75
N SER A 364 11.88 -10.05 -20.51
CA SER A 364 11.84 -10.28 -21.96
C SER A 364 11.56 -11.76 -22.29
N TYR A 365 12.22 -12.67 -21.60
CA TYR A 365 11.83 -14.02 -21.76
C TYR A 365 10.36 -14.18 -21.40
N HIS A 366 9.93 -13.67 -20.25
CA HIS A 366 8.53 -13.85 -19.81
C HIS A 366 7.53 -13.43 -20.89
N LEU A 367 7.77 -12.31 -21.59
CA LEU A 367 6.90 -11.89 -22.71
C LEU A 367 6.87 -12.84 -23.85
N GLN A 368 8.03 -13.45 -24.15
CA GLN A 368 8.06 -14.47 -25.21
C GLN A 368 7.06 -15.56 -24.81
N ILE A 369 7.26 -16.08 -23.59
CA ILE A 369 6.39 -17.06 -23.00
C ILE A 369 4.89 -16.69 -22.98
N VAL A 370 4.57 -15.45 -22.64
CA VAL A 370 3.20 -15.01 -22.69
C VAL A 370 2.69 -15.13 -24.13
N THR A 371 3.54 -14.82 -25.09
CA THR A 371 3.12 -14.89 -26.47
C THR A 371 2.67 -16.30 -26.87
N LYS A 372 3.51 -17.26 -26.58
CA LYS A 372 3.20 -18.65 -26.86
C LYS A 372 1.98 -19.19 -26.10
N TYR A 373 1.79 -18.76 -24.86
CA TYR A 373 0.80 -19.41 -23.98
C TYR A 373 -0.50 -18.66 -23.85
N ILE A 374 -0.53 -17.39 -24.27
CA ILE A 374 -1.81 -16.63 -24.24
C ILE A 374 -2.13 -15.97 -25.57
N LEU A 375 -1.28 -15.07 -26.05
CA LEU A 375 -1.61 -14.43 -27.35
C LEU A 375 -1.96 -15.43 -28.43
N ILE A 376 -1.10 -16.42 -28.64
CA ILE A 376 -1.33 -17.36 -29.75
C ILE A 376 -2.63 -18.19 -29.62
N PRO A 377 -2.81 -18.96 -28.52
CA PRO A 377 -4.11 -19.62 -28.29
C PRO A 377 -5.24 -18.63 -28.32
N ALA A 378 -5.09 -17.47 -27.69
CA ALA A 378 -6.15 -16.45 -27.67
C ALA A 378 -6.81 -16.22 -29.02
N SER A 379 -6.03 -16.32 -30.11
CA SER A 379 -6.54 -16.02 -31.46
C SER A 379 -6.69 -17.27 -32.32
N GLN A 380 -7.43 -18.27 -31.82
CA GLN A 380 -7.63 -19.54 -32.53
C GLN A 380 -8.49 -20.49 -31.69
N GLY A 400 -8.47 -6.95 -24.21
CA GLY A 400 -8.51 -8.17 -23.39
C GLY A 400 -7.11 -8.68 -23.10
N GLY A 401 -6.54 -9.38 -24.08
CA GLY A 401 -5.15 -9.85 -24.04
C GLY A 401 -4.16 -8.78 -24.50
N THR A 402 -4.70 -7.66 -24.93
CA THR A 402 -3.87 -6.56 -25.33
C THR A 402 -3.49 -5.73 -24.08
N ASP A 403 -4.32 -5.81 -23.05
CA ASP A 403 -4.07 -5.12 -21.78
C ASP A 403 -2.96 -5.77 -20.99
N LEU A 404 -2.91 -7.10 -21.02
CA LEU A 404 -1.86 -7.84 -20.36
C LEU A 404 -0.51 -7.42 -20.94
N MET A 405 -0.48 -7.24 -22.27
CA MET A 405 0.73 -6.84 -22.97
C MET A 405 1.23 -5.46 -22.53
N ASN A 406 0.37 -4.45 -22.65
CA ASN A 406 0.70 -3.10 -22.16
C ASN A 406 1.32 -3.18 -20.80
N PHE A 407 0.58 -3.83 -19.89
CA PHE A 407 1.09 -4.08 -18.57
C PHE A 407 2.53 -4.65 -18.61
N LEU A 408 2.71 -5.88 -19.07
CA LEU A 408 4.04 -6.44 -19.03
C LEU A 408 5.11 -5.57 -19.71
N LYS A 409 4.74 -4.93 -20.83
CA LYS A 409 5.66 -4.08 -21.59
C LYS A 409 6.06 -2.87 -20.81
N THR A 410 5.13 -2.26 -20.10
CA THR A 410 5.46 -1.12 -19.24
C THR A 410 6.44 -1.52 -18.14
N VAL A 411 6.21 -2.67 -17.53
CA VAL A 411 7.09 -3.11 -16.46
C VAL A 411 8.49 -3.39 -16.99
N ARG A 412 8.60 -4.12 -18.10
CA ARG A 412 9.88 -4.28 -18.81
C ARG A 412 10.52 -2.93 -19.06
N SER A 413 9.75 -1.97 -19.58
CA SER A 413 10.28 -0.69 -20.03
C SER A 413 10.88 0.10 -18.83
N THR A 414 10.08 0.22 -17.77
CA THR A 414 10.55 0.79 -16.54
C THR A 414 11.84 0.15 -16.09
N THR A 415 11.95 -1.17 -16.15
CA THR A 415 13.19 -1.82 -15.74
C THR A 415 14.36 -1.33 -16.59
N GLU A 416 14.21 -1.39 -17.91
CA GLU A 416 15.17 -0.91 -18.89
C GLU A 416 15.62 0.57 -18.68
N LYS A 417 14.68 1.48 -18.45
CA LYS A 417 15.06 2.88 -18.28
C LYS A 417 15.86 3.08 -16.98
N SER A 418 16.15 2.00 -16.27
CA SER A 418 16.89 2.11 -15.03
C SER A 418 18.38 1.91 -15.22
N LEU A 419 18.77 1.35 -16.38
CA LEU A 419 20.16 1.11 -16.72
C LEU A 419 20.98 2.40 -16.70
N LEU A 420 22.19 2.33 -16.17
CA LEU A 420 23.01 3.52 -16.04
C LEU A 420 23.69 3.85 -17.34
N LYS A 421 24.33 2.84 -17.95
CA LYS A 421 24.74 2.89 -19.35
C LYS A 421 23.49 2.81 -20.22
N GLU A 422 23.18 3.91 -20.91
CA GLU A 422 22.00 4.01 -21.79
C GLU A 422 22.19 3.22 -23.10
N GLY A 423 21.94 1.91 -23.01
CA GLY A 423 22.07 0.97 -24.11
C GLY A 423 22.24 -0.45 -23.60
N SER B 32 12.79 7.23 19.11
CA SER B 32 12.69 7.51 17.65
C SER B 32 13.63 8.63 17.34
N LYS B 33 14.35 8.55 16.23
CA LYS B 33 15.27 9.65 15.85
C LYS B 33 15.29 10.10 14.39
N GLU B 34 15.64 9.19 13.48
CA GLU B 34 15.67 9.53 12.05
C GLU B 34 14.28 9.35 11.43
N TYR B 35 13.24 9.50 12.25
CA TYR B 35 11.84 9.47 11.82
C TYR B 35 11.15 10.86 11.87
N HIS B 36 11.88 11.85 12.39
CA HIS B 36 11.43 13.24 12.37
C HIS B 36 10.13 13.41 13.12
N ILE B 37 10.06 12.84 14.32
CA ILE B 37 8.92 13.09 15.17
C ILE B 37 9.28 14.02 16.34
N ASP B 38 8.91 15.29 16.26
CA ASP B 38 9.13 16.21 17.38
C ASP B 38 8.44 15.69 18.64
N GLU B 39 9.00 16.00 19.80
CA GLU B 39 8.44 15.50 21.07
C GLU B 39 7.31 16.39 21.57
N GLU B 40 7.34 17.64 21.14
CA GLU B 40 6.26 18.60 21.40
C GLU B 40 5.17 18.54 20.32
N VAL B 41 5.61 18.40 19.08
CA VAL B 41 4.80 18.72 17.93
C VAL B 41 4.58 17.47 17.01
N GLY B 42 5.01 16.30 17.50
CA GLY B 42 4.74 15.03 16.86
C GLY B 42 5.13 14.97 15.41
N PHE B 43 4.15 14.72 14.55
CA PHE B 43 4.39 14.71 13.10
C PHE B 43 4.49 16.10 12.43
N ALA B 44 4.03 17.16 13.10
CA ALA B 44 4.22 18.50 12.53
C ALA B 44 5.69 18.85 12.34
N LEU B 45 5.95 19.71 11.37
CA LEU B 45 7.25 20.34 11.21
C LEU B 45 7.46 21.31 12.38
N PRO B 46 8.54 21.12 13.15
CA PRO B 46 8.75 21.71 14.48
C PRO B 46 8.61 23.23 14.60
N ASN B 47 9.30 23.98 13.74
CA ASN B 47 9.16 25.43 13.77
C ASN B 47 9.32 25.88 12.34
N PRO B 48 8.20 26.00 11.61
CA PRO B 48 8.28 26.10 10.14
C PRO B 48 8.77 27.47 9.65
N GLN B 49 9.59 27.48 8.60
CA GLN B 49 10.11 28.72 8.03
C GLN B 49 8.97 29.60 7.47
N GLU B 50 9.17 30.93 7.50
CA GLU B 50 8.16 31.89 7.02
C GLU B 50 8.52 32.53 5.69
N ASN B 51 9.82 32.64 5.42
CA ASN B 51 10.33 33.40 4.28
C ASN B 51 11.40 32.59 3.59
N LEU B 52 11.59 32.82 2.30
CA LEU B 52 12.62 32.09 1.58
C LEU B 52 13.84 32.98 1.34
N PRO B 53 14.92 32.41 0.77
CA PRO B 53 15.97 33.20 0.13
C PRO B 53 15.31 34.11 -0.87
N ASP B 54 15.67 35.38 -0.82
CA ASP B 54 14.98 36.40 -1.57
C ASP B 54 15.14 36.18 -3.07
N PHE B 55 16.03 35.27 -3.41
CA PHE B 55 16.15 34.75 -4.75
C PHE B 55 14.84 34.16 -5.29
N TYR B 56 13.83 34.01 -4.43
CA TYR B 56 12.54 33.40 -4.80
C TYR B 56 11.37 34.29 -4.51
N ASN B 57 11.55 35.60 -4.70
CA ASN B 57 10.50 36.54 -4.35
C ASN B 57 9.30 36.51 -5.30
N ASP B 58 9.57 36.22 -6.57
CA ASP B 58 8.53 36.03 -7.57
C ASP B 58 7.44 35.06 -7.06
N TRP B 59 7.89 33.88 -6.63
CA TRP B 59 7.09 32.83 -6.00
C TRP B 59 6.33 33.33 -4.76
N MET B 60 7.09 33.87 -3.80
CA MET B 60 6.51 34.26 -2.50
C MET B 60 5.36 35.26 -2.60
N PHE B 61 5.51 36.22 -3.50
CA PHE B 61 4.60 37.33 -3.58
C PHE B 61 3.19 36.83 -4.00
N ILE B 62 3.18 35.94 -5.00
CA ILE B 62 1.95 35.34 -5.53
C ILE B 62 1.19 34.61 -4.43
N ALA B 63 1.92 33.81 -3.66
CA ALA B 63 1.40 32.99 -2.57
C ALA B 63 0.84 33.82 -1.45
N LYS B 64 1.56 34.90 -1.13
CA LYS B 64 1.12 35.82 -0.10
C LYS B 64 -0.18 36.54 -0.47
N HIS B 65 -0.51 36.54 -1.76
CA HIS B 65 -1.57 37.41 -2.28
C HIS B 65 -2.60 36.62 -3.08
N LEU B 66 -2.63 35.33 -2.80
CA LEU B 66 -3.48 34.39 -3.45
C LEU B 66 -4.96 34.75 -3.42
N PRO B 67 -5.45 35.35 -2.31
CA PRO B 67 -6.88 35.78 -2.39
C PRO B 67 -7.14 36.83 -3.48
N ASP B 68 -6.43 37.95 -3.42
CA ASP B 68 -6.60 39.00 -4.41
C ASP B 68 -6.37 38.53 -5.85
N LEU B 69 -5.24 37.88 -6.10
CA LEU B 69 -4.91 37.43 -7.44
C LEU B 69 -5.94 36.50 -8.05
N ILE B 70 -6.49 35.60 -7.24
CA ILE B 70 -7.54 34.70 -7.72
C ILE B 70 -8.78 35.51 -8.04
N GLU B 71 -9.19 36.37 -7.12
CA GLU B 71 -10.35 37.27 -7.30
C GLU B 71 -10.28 38.12 -8.59
N SER B 72 -9.13 38.72 -8.83
CA SER B 72 -9.00 39.62 -9.95
C SER B 72 -8.34 38.95 -11.16
N GLY B 73 -8.50 37.63 -11.27
CA GLY B 73 -8.10 36.87 -12.44
C GLY B 73 -6.67 37.08 -12.90
N GLN B 74 -5.92 37.86 -12.15
CA GLN B 74 -4.54 38.07 -12.55
C GLN B 74 -3.62 36.95 -12.10
N LEU B 75 -4.14 36.03 -11.28
CA LEU B 75 -3.32 34.91 -10.84
C LEU B 75 -2.66 34.13 -12.00
N ARG B 76 -3.45 33.50 -12.87
CA ARG B 76 -2.87 32.65 -13.95
C ARG B 76 -1.86 33.48 -14.73
N GLU B 77 -2.31 34.65 -15.22
CA GLU B 77 -1.47 35.63 -15.90
C GLU B 77 -0.05 35.80 -15.30
N ARG B 78 0.05 35.87 -13.97
CA ARG B 78 1.33 35.99 -13.27
C ARG B 78 2.16 34.70 -13.26
N VAL B 79 1.48 33.55 -13.24
CA VAL B 79 2.21 32.31 -13.19
C VAL B 79 2.95 32.14 -14.50
N GLU B 80 2.25 32.41 -15.61
CA GLU B 80 2.90 32.43 -16.92
C GLU B 80 4.04 33.47 -17.01
N LYS B 81 3.84 34.67 -16.42
CA LYS B 81 4.88 35.72 -16.35
C LYS B 81 6.22 35.27 -15.73
N LEU B 82 6.18 34.38 -14.74
CA LEU B 82 7.37 33.97 -13.99
C LEU B 82 8.43 33.20 -14.77
N ASN B 83 9.65 33.22 -14.22
CA ASN B 83 10.75 32.45 -14.77
C ASN B 83 11.01 31.10 -14.12
N MET B 84 11.41 30.13 -14.94
CA MET B 84 11.72 28.79 -14.47
C MET B 84 12.95 28.82 -13.56
N LEU B 85 12.72 29.16 -12.28
CA LEU B 85 13.78 29.22 -11.27
C LEU B 85 14.41 27.84 -10.96
N SER B 86 15.52 27.87 -10.25
CA SER B 86 16.22 26.64 -9.87
C SER B 86 15.99 26.42 -8.38
N ILE B 87 15.76 25.16 -8.00
CA ILE B 87 15.55 24.78 -6.59
C ILE B 87 16.86 24.67 -5.81
N ASP B 88 17.97 24.90 -6.51
CA ASP B 88 19.33 24.80 -5.96
C ASP B 88 19.67 25.81 -4.89
N HIS B 89 18.89 26.89 -4.76
CA HIS B 89 19.15 27.87 -3.70
C HIS B 89 18.33 27.59 -2.43
N LEU B 90 17.93 26.34 -2.27
CA LEU B 90 17.21 25.87 -1.10
C LEU B 90 18.08 24.82 -0.41
N THR B 91 18.68 25.21 0.70
CA THR B 91 19.72 24.41 1.35
C THR B 91 19.21 23.51 2.49
N ASP B 92 18.48 24.10 3.45
CA ASP B 92 17.86 23.33 4.54
C ASP B 92 16.53 22.65 4.17
N HIS B 93 16.25 21.52 4.83
CA HIS B 93 14.99 20.80 4.70
C HIS B 93 13.83 21.77 4.89
N LYS B 94 13.89 22.55 5.98
CA LYS B 94 12.83 23.48 6.35
C LYS B 94 12.44 24.44 5.21
N SER B 95 13.42 24.79 4.40
CA SER B 95 13.19 25.73 3.34
C SER B 95 12.51 25.02 2.19
N GLN B 96 12.90 23.78 1.93
CA GLN B 96 12.33 23.02 0.81
C GLN B 96 10.87 22.63 1.06
N ARG B 97 10.54 22.44 2.33
CA ARG B 97 9.17 22.21 2.74
C ARG B 97 8.31 23.44 2.49
N LEU B 98 8.76 24.61 2.95
CA LEU B 98 8.09 25.89 2.61
C LEU B 98 7.87 26.03 1.09
N ALA B 99 8.92 25.82 0.30
CA ALA B 99 8.80 25.89 -1.14
C ALA B 99 7.65 25.02 -1.63
N ARG B 100 7.64 23.77 -1.19
CA ARG B 100 6.56 22.82 -1.51
C ARG B 100 5.18 23.38 -1.20
N LEU B 101 5.07 24.03 -0.05
CA LEU B 101 3.78 24.59 0.40
C LEU B 101 3.43 25.78 -0.46
N VAL B 102 4.46 26.58 -0.79
CA VAL B 102 4.35 27.73 -1.70
C VAL B 102 3.93 27.23 -3.09
N LEU B 103 4.78 26.47 -3.78
CA LEU B 103 4.42 25.95 -5.08
C LEU B 103 3.11 25.15 -5.08
N GLY B 104 2.90 24.32 -4.07
CA GLY B 104 1.71 23.49 -4.01
C GLY B 104 0.46 24.34 -4.06
N CYS B 105 0.43 25.38 -3.20
CA CYS B 105 -0.66 26.39 -3.14
C CYS B 105 -0.95 27.14 -4.44
N ILE B 106 0.10 27.61 -5.10
CA ILE B 106 -0.01 28.32 -6.37
C ILE B 106 -0.63 27.35 -7.36
N THR B 107 -0.12 26.11 -7.32
CA THR B 107 -0.53 25.12 -8.29
C THR B 107 -2.01 24.83 -8.17
N MET B 108 -2.54 24.87 -6.95
CA MET B 108 -3.98 24.62 -6.78
C MET B 108 -4.73 25.72 -7.47
N ALA B 109 -4.36 26.96 -7.12
CA ALA B 109 -5.06 28.16 -7.59
C ALA B 109 -4.97 28.30 -9.08
N TYR B 110 -3.81 28.02 -9.66
CA TYR B 110 -3.70 28.00 -11.11
C TYR B 110 -4.63 26.97 -11.78
N VAL B 111 -4.67 25.74 -11.27
CA VAL B 111 -5.49 24.74 -11.93
C VAL B 111 -6.96 25.05 -11.76
N TRP B 112 -7.43 25.32 -10.53
CA TRP B 112 -8.87 25.50 -10.34
C TRP B 112 -9.34 26.91 -10.62
N GLY B 113 -8.42 27.86 -10.56
CA GLY B 113 -8.75 29.25 -10.78
C GLY B 113 -9.70 29.77 -9.73
N LYS B 114 -10.79 30.39 -10.19
CA LYS B 114 -11.75 31.07 -9.33
C LYS B 114 -12.71 30.04 -8.74
N GLY B 115 -12.71 28.85 -9.34
CA GLY B 115 -13.35 27.70 -8.73
C GLY B 115 -14.57 27.18 -9.45
N HIS B 116 -15.06 27.90 -10.44
CA HIS B 116 -16.37 27.54 -10.94
C HIS B 116 -16.36 26.96 -12.34
N GLY B 117 -15.25 26.34 -12.73
CA GLY B 117 -15.27 25.55 -13.95
C GLY B 117 -14.09 25.68 -14.88
N ASP B 118 -13.50 26.89 -14.95
CA ASP B 118 -12.40 27.14 -15.89
C ASP B 118 -11.09 26.50 -15.43
N VAL B 119 -10.95 25.23 -15.78
CA VAL B 119 -9.89 24.35 -15.29
C VAL B 119 -8.75 24.21 -16.31
N ARG B 120 -7.51 24.46 -15.89
CA ARG B 120 -6.31 24.32 -16.76
C ARG B 120 -5.76 22.91 -16.78
N LYS B 121 -5.55 22.33 -17.96
CA LYS B 121 -5.06 20.94 -18.08
C LYS B 121 -3.53 20.86 -18.18
N VAL B 122 -2.91 21.99 -18.49
CA VAL B 122 -1.44 22.08 -18.56
C VAL B 122 -0.93 23.00 -17.46
N LEU B 123 0.17 22.58 -16.83
CA LEU B 123 0.89 23.40 -15.86
C LEU B 123 2.20 24.02 -16.45
N PRO B 124 2.26 25.37 -16.55
CA PRO B 124 3.43 26.10 -17.01
C PRO B 124 4.77 25.47 -16.61
N ARG B 125 5.67 25.31 -17.57
CA ARG B 125 7.00 24.72 -17.36
C ARG B 125 7.79 25.47 -16.28
N ASN B 126 7.67 26.80 -16.28
CA ASN B 126 8.38 27.66 -15.34
C ASN B 126 8.04 27.41 -13.88
N ILE B 127 6.86 26.82 -13.65
CA ILE B 127 6.41 26.42 -12.32
C ILE B 127 6.41 24.90 -12.13
N ALA B 128 6.10 24.16 -13.20
CA ALA B 128 5.95 22.70 -13.16
C ALA B 128 7.26 21.96 -13.03
N VAL B 129 8.28 22.42 -13.75
CA VAL B 129 9.59 21.77 -13.67
C VAL B 129 10.15 21.91 -12.24
N PRO B 130 10.35 23.15 -11.75
CA PRO B 130 10.88 23.27 -10.38
C PRO B 130 10.06 22.49 -9.34
N TYR B 131 8.73 22.44 -9.52
CA TYR B 131 7.84 21.79 -8.56
C TYR B 131 8.09 20.31 -8.52
N CYS B 132 8.08 19.67 -9.68
CA CYS B 132 8.43 18.25 -9.80
C CYS B 132 9.85 17.88 -9.38
N GLN B 133 10.80 18.79 -9.59
CA GLN B 133 12.18 18.54 -9.20
C GLN B 133 12.22 18.52 -7.69
N LEU B 134 11.61 19.53 -7.06
CA LEU B 134 11.59 19.63 -5.59
C LEU B 134 10.81 18.47 -4.98
N SER B 135 9.68 18.14 -5.61
CA SER B 135 8.89 17.01 -5.20
C SER B 135 9.66 15.69 -5.19
N LYS B 136 10.36 15.37 -6.29
CA LYS B 136 11.15 14.13 -6.43
C LYS B 136 12.25 14.08 -5.38
N LYS B 137 12.96 15.20 -5.25
CA LYS B 137 13.96 15.38 -4.21
C LYS B 137 13.42 14.96 -2.84
N LEU B 138 12.18 15.37 -2.54
CA LEU B 138 11.54 15.11 -1.24
C LEU B 138 10.72 13.81 -1.11
N GLU B 139 10.62 13.05 -2.20
CA GLU B 139 9.87 11.79 -2.27
C GLU B 139 8.35 11.95 -2.03
N LEU B 140 7.83 13.17 -2.23
CA LEU B 140 6.38 13.42 -2.17
C LEU B 140 5.82 13.72 -3.57
N PRO B 141 4.51 13.49 -3.80
CA PRO B 141 3.93 13.82 -5.08
C PRO B 141 3.75 15.34 -5.30
N PRO B 142 4.00 15.83 -6.53
CA PRO B 142 3.86 17.23 -6.89
C PRO B 142 2.41 17.65 -6.90
N ILE B 143 1.86 17.81 -5.70
CA ILE B 143 0.46 18.24 -5.48
C ILE B 143 0.40 18.58 -4.00
N LEU B 144 -0.60 19.37 -3.64
CA LEU B 144 -0.70 19.83 -2.28
C LEU B 144 -1.20 18.68 -1.41
N VAL B 145 -0.55 18.53 -0.27
CA VAL B 145 -0.65 17.34 0.54
C VAL B 145 -0.84 17.81 2.00
N TYR B 146 -1.46 16.98 2.84
CA TYR B 146 -1.64 17.30 4.27
C TYR B 146 -0.33 17.78 4.90
N ALA B 147 0.76 17.10 4.58
CA ALA B 147 2.04 17.43 5.20
C ALA B 147 2.50 18.80 4.84
N ASP B 148 2.00 19.32 3.72
CA ASP B 148 2.30 20.70 3.27
C ASP B 148 1.43 21.70 3.99
N CYS B 149 0.14 21.66 3.76
CA CYS B 149 -0.64 22.79 4.13
C CYS B 149 -1.29 22.68 5.49
N VAL B 150 -1.03 21.59 6.20
CA VAL B 150 -1.31 21.59 7.62
C VAL B 150 -0.02 21.54 8.45
N LEU B 151 0.84 20.56 8.20
CA LEU B 151 1.96 20.32 9.10
C LEU B 151 3.04 21.38 9.00
N ALA B 152 3.14 22.01 7.83
CA ALA B 152 4.22 22.95 7.53
C ALA B 152 3.77 24.42 7.39
N ASN B 153 2.46 24.65 7.46
CA ASN B 153 1.80 25.92 7.13
C ASN B 153 1.27 26.58 8.38
N TRP B 154 2.19 27.07 9.21
CA TRP B 154 1.81 27.73 10.49
C TRP B 154 2.96 28.43 11.23
N LYS B 155 2.56 29.27 12.20
CA LYS B 155 3.48 30.05 13.06
C LYS B 155 2.76 30.40 14.34
N LYS B 156 3.53 30.65 15.41
CA LYS B 156 2.97 31.32 16.60
C LYS B 156 3.05 32.82 16.37
N LYS B 157 1.99 33.55 16.73
CA LYS B 157 2.02 35.01 16.78
C LYS B 157 3.04 35.53 17.81
N ASP B 158 2.91 35.09 19.07
CA ASP B 158 3.94 35.28 20.10
C ASP B 158 4.68 33.98 20.45
N PRO B 159 5.99 33.94 20.14
CA PRO B 159 6.84 32.77 20.36
C PRO B 159 7.01 32.32 21.83
N ASN B 160 6.69 33.18 22.79
CA ASN B 160 6.83 32.80 24.21
C ASN B 160 5.52 32.41 24.90
N LYS B 161 4.39 32.58 24.24
CA LYS B 161 3.15 31.99 24.73
C LYS B 161 3.01 30.57 24.14
N PRO B 162 2.06 29.76 24.66
CA PRO B 162 2.01 28.37 24.21
C PRO B 162 1.29 28.17 22.85
N LEU B 163 1.58 27.02 22.21
CA LEU B 163 0.90 26.57 20.98
C LEU B 163 -0.61 26.40 21.16
N THR B 164 -1.35 27.49 21.07
CA THR B 164 -2.80 27.45 21.25
C THR B 164 -3.45 28.10 20.02
N TYR B 165 -4.77 28.01 19.86
CA TYR B 165 -5.43 28.59 18.67
C TYR B 165 -5.18 30.10 18.46
N GLU B 166 -5.29 30.86 19.57
CA GLU B 166 -5.19 32.33 19.61
C GLU B 166 -3.76 32.86 19.54
N ASN B 167 -2.80 32.03 19.91
CA ASN B 167 -1.40 32.37 19.69
C ASN B 167 -0.94 31.89 18.31
N MET B 168 -1.86 31.44 17.47
CA MET B 168 -1.43 30.82 16.21
C MET B 168 -2.01 31.34 14.91
N ASP B 169 -1.21 31.25 13.86
CA ASP B 169 -1.70 31.57 12.54
C ASP B 169 -1.13 30.65 11.46
N VAL B 170 -1.83 30.60 10.32
CA VAL B 170 -1.36 29.91 9.12
C VAL B 170 -0.49 30.85 8.29
N LEU B 171 0.11 30.35 7.22
CA LEU B 171 0.93 31.22 6.40
C LEU B 171 0.25 31.48 5.07
N PHE B 172 -0.74 30.67 4.73
CA PHE B 172 -1.45 30.82 3.45
C PHE B 172 -2.88 30.37 3.50
N SER B 173 -3.73 31.13 2.81
CA SER B 173 -5.14 30.81 2.58
C SER B 173 -5.46 30.95 1.11
N PHE B 174 -6.60 30.45 0.68
CA PHE B 174 -6.92 30.53 -0.74
C PHE B 174 -7.75 31.75 -1.12
N ARG B 175 -8.75 32.06 -0.29
CA ARG B 175 -9.63 33.20 -0.51
C ARG B 175 -9.75 33.89 0.82
N ASP B 176 -10.26 35.12 0.80
CA ASP B 176 -10.63 35.75 2.06
C ASP B 176 -11.92 35.11 2.51
N GLY B 177 -11.99 34.75 3.79
CA GLY B 177 -13.17 34.08 4.36
C GLY B 177 -13.40 32.65 3.86
N ASP B 178 -12.31 32.01 3.40
CA ASP B 178 -12.35 30.59 3.06
C ASP B 178 -12.31 29.68 4.31
N CYS B 179 -12.38 30.29 5.50
CA CYS B 179 -12.34 29.53 6.75
C CYS B 179 -11.14 28.59 6.87
N SER B 180 -10.16 28.73 5.99
CA SER B 180 -9.02 27.83 5.92
C SER B 180 -8.05 27.91 7.11
N LYS B 181 -8.15 28.95 7.95
CA LYS B 181 -7.34 28.99 9.16
C LYS B 181 -7.96 27.98 10.10
N GLY B 182 -9.24 28.14 10.39
CA GLY B 182 -9.93 27.21 11.30
C GLY B 182 -9.62 25.76 10.98
N PHE B 183 -9.84 25.39 9.73
CA PHE B 183 -9.69 24.05 9.24
C PHE B 183 -8.26 23.59 9.41
N PHE B 184 -7.31 24.32 8.83
CA PHE B 184 -5.90 23.94 8.95
C PHE B 184 -5.35 23.88 10.38
N LEU B 185 -5.64 24.90 11.18
CA LEU B 185 -5.16 24.92 12.56
C LEU B 185 -5.79 23.91 13.49
N VAL B 186 -7.12 23.73 13.41
CA VAL B 186 -7.76 22.74 14.27
C VAL B 186 -7.20 21.33 13.97
N SER B 187 -7.04 21.02 12.70
CA SER B 187 -6.30 19.82 12.32
C SER B 187 -4.94 19.74 13.02
N LEU B 188 -4.12 20.78 12.87
CA LEU B 188 -2.81 20.78 13.48
C LEU B 188 -2.90 20.64 14.98
N LEU B 189 -3.85 21.31 15.60
CA LEU B 189 -3.96 21.20 17.03
C LEU B 189 -4.14 19.73 17.43
N VAL B 190 -5.01 19.00 16.73
CA VAL B 190 -5.25 17.58 17.02
C VAL B 190 -3.97 16.76 16.77
N GLU B 191 -3.35 16.95 15.62
CA GLU B 191 -2.05 16.39 15.41
C GLU B 191 -1.11 16.56 16.64
N ILE B 192 -1.14 17.73 17.28
CA ILE B 192 -0.26 17.98 18.44
C ILE B 192 -0.75 17.28 19.71
N ALA B 193 -2.04 17.36 20.00
CA ALA B 193 -2.60 16.59 21.11
C ALA B 193 -2.17 15.14 21.04
N ALA B 194 -2.07 14.60 19.82
CA ALA B 194 -1.74 13.19 19.54
C ALA B 194 -0.29 12.79 19.89
N ALA B 195 0.66 13.70 19.65
CA ALA B 195 2.08 13.54 19.95
C ALA B 195 2.36 13.04 21.37
N SER B 196 1.53 13.45 22.31
CA SER B 196 1.62 13.00 23.69
C SER B 196 1.56 11.49 23.76
N ALA B 197 0.70 10.91 22.93
CA ALA B 197 0.57 9.48 22.88
C ALA B 197 1.71 8.85 22.05
N ILE B 198 2.13 9.53 21.00
CA ILE B 198 3.16 8.97 20.15
C ILE B 198 4.43 8.75 20.94
N LYS B 199 4.64 9.53 21.99
CA LYS B 199 5.90 9.37 22.74
C LYS B 199 5.97 8.03 23.51
N VAL B 200 4.81 7.44 23.82
CA VAL B 200 4.77 6.18 24.58
C VAL B 200 4.79 4.90 23.74
N ILE B 201 4.70 5.08 22.43
CA ILE B 201 4.83 3.99 21.47
C ILE B 201 6.07 3.11 21.67
N PRO B 202 7.26 3.69 21.88
CA PRO B 202 8.37 2.75 22.17
C PRO B 202 8.21 1.97 23.49
N THR B 203 7.67 2.63 24.52
CA THR B 203 7.43 2.02 25.83
C THR B 203 6.59 0.75 25.70
N VAL B 204 5.54 0.85 24.89
CA VAL B 204 4.66 -0.27 24.62
C VAL B 204 5.37 -1.46 23.95
N PHE B 205 6.35 -1.17 23.09
CA PHE B 205 6.99 -2.23 22.33
C PHE B 205 7.99 -2.96 23.18
N LYS B 206 8.74 -2.17 23.93
CA LYS B 206 9.71 -2.65 24.88
C LYS B 206 8.99 -3.53 25.91
N ALA B 207 7.76 -3.15 26.28
CA ALA B 207 7.05 -3.85 27.33
C ALA B 207 6.49 -5.22 26.89
N MET B 208 6.03 -5.37 25.66
CA MET B 208 5.75 -6.74 25.21
C MET B 208 7.05 -7.55 25.09
N GLN B 209 8.14 -6.86 24.79
CA GLN B 209 9.41 -7.54 24.62
C GLN B 209 9.85 -8.08 25.98
N MET B 210 10.15 -7.19 26.91
CA MET B 210 10.64 -7.55 28.22
C MET B 210 9.56 -8.31 29.01
N GLN B 211 8.41 -8.47 28.38
CA GLN B 211 7.29 -9.19 28.97
C GLN B 211 6.76 -8.50 30.26
N GLU B 212 6.89 -7.17 30.36
CA GLU B 212 6.54 -6.43 31.56
C GLU B 212 5.11 -5.97 31.49
N ARG B 213 4.22 -6.74 32.11
CA ARG B 213 2.78 -6.54 32.06
C ARG B 213 2.33 -5.28 32.79
N ASP B 214 2.94 -4.95 33.91
CA ASP B 214 2.49 -3.75 34.61
C ASP B 214 2.78 -2.43 33.86
N THR B 215 3.92 -2.36 33.17
CA THR B 215 4.32 -1.16 32.40
C THR B 215 3.41 -0.94 31.18
N LEU B 216 3.08 -2.06 30.55
CA LEU B 216 2.28 -2.06 29.36
C LEU B 216 0.90 -1.47 29.65
N LEU B 217 0.26 -1.97 30.70
CA LEU B 217 -1.06 -1.51 31.10
C LEU B 217 -1.03 0.03 31.31
N LYS B 218 -0.05 0.52 32.06
CA LYS B 218 0.12 1.94 32.31
C LYS B 218 0.21 2.68 30.99
N ALA B 219 0.87 2.03 30.04
CA ALA B 219 1.28 2.71 28.81
C ALA B 219 0.07 2.87 27.93
N LEU B 220 -0.68 1.79 27.75
CA LEU B 220 -1.94 1.84 27.03
C LEU B 220 -2.89 2.87 27.67
N LEU B 221 -2.93 2.90 29.01
CA LEU B 221 -3.73 3.89 29.72
C LEU B 221 -3.29 5.30 29.37
N GLU B 222 -1.99 5.55 29.40
CA GLU B 222 -1.51 6.88 29.03
C GLU B 222 -2.02 7.27 27.62
N ILE B 223 -1.89 6.35 26.67
CA ILE B 223 -2.38 6.53 25.32
C ILE B 223 -3.87 6.86 25.26
N ALA B 224 -4.71 6.05 25.91
CA ALA B 224 -6.16 6.26 25.83
C ALA B 224 -6.55 7.63 26.37
N SER B 225 -6.02 7.97 27.55
CA SER B 225 -6.03 9.34 28.06
C SER B 225 -5.70 10.48 27.06
N CYS B 226 -4.58 10.36 26.36
CA CYS B 226 -4.19 11.36 25.36
C CYS B 226 -5.17 11.48 24.21
N LEU B 227 -5.71 10.35 23.74
CA LEU B 227 -6.72 10.34 22.70
C LEU B 227 -8.05 10.86 23.17
N GLU B 228 -8.29 10.83 24.47
CA GLU B 228 -9.54 11.32 24.98
C GLU B 228 -9.49 12.84 25.06
N LYS B 229 -8.29 13.37 25.30
CA LYS B 229 -8.09 14.83 25.36
C LYS B 229 -8.22 15.43 23.97
N ALA B 230 -7.79 14.67 22.97
CA ALA B 230 -7.78 15.12 21.58
C ALA B 230 -9.19 15.23 21.02
N LEU B 231 -10.13 14.48 21.61
CA LEU B 231 -11.54 14.77 21.35
C LEU B 231 -11.93 16.22 21.75
N GLN B 232 -11.43 16.73 22.87
CA GLN B 232 -11.71 18.15 23.22
C GLN B 232 -11.35 19.13 22.11
N VAL B 233 -10.09 19.12 21.70
CA VAL B 233 -9.59 19.89 20.54
C VAL B 233 -10.55 19.89 19.34
N PHE B 234 -11.13 18.73 19.03
CA PHE B 234 -12.08 18.64 17.92
C PHE B 234 -13.24 19.58 17.98
N HIS B 235 -13.90 19.69 19.13
CA HIS B 235 -14.97 20.69 19.35
C HIS B 235 -14.71 22.10 18.74
N GLN B 236 -13.44 22.51 18.67
CA GLN B 236 -13.10 23.84 18.20
C GLN B 236 -13.44 24.09 16.73
N ILE B 237 -13.70 23.02 16.00
CA ILE B 237 -14.09 23.11 14.63
C ILE B 237 -15.27 24.04 14.53
N HIS B 238 -16.30 23.75 15.33
CA HIS B 238 -17.54 24.52 15.34
C HIS B 238 -17.31 26.04 15.55
N ASP B 239 -16.33 26.38 16.40
CA ASP B 239 -15.97 27.78 16.74
C ASP B 239 -15.30 28.57 15.63
N HIS B 240 -14.58 27.93 14.73
CA HIS B 240 -13.73 28.67 13.78
C HIS B 240 -13.94 28.32 12.32
N VAL B 241 -15.01 27.60 11.99
CA VAL B 241 -15.30 27.18 10.60
C VAL B 241 -16.80 27.26 10.31
N ASN B 242 -17.16 28.03 9.29
CA ASN B 242 -18.53 28.18 8.87
C ASN B 242 -18.77 27.17 7.72
N PRO B 243 -19.83 26.37 7.86
CA PRO B 243 -20.30 25.35 6.92
C PRO B 243 -20.31 25.82 5.48
N LYS B 244 -20.96 26.96 5.25
CA LYS B 244 -21.22 27.41 3.89
C LYS B 244 -19.94 27.91 3.21
N ALA B 245 -19.21 28.77 3.92
CA ALA B 245 -17.92 29.25 3.40
C ALA B 245 -17.02 28.04 3.19
N PHE B 246 -17.01 27.13 4.18
CA PHE B 246 -16.14 25.98 4.14
C PHE B 246 -16.38 25.16 2.90
N PHE B 247 -17.64 24.79 2.67
CA PHE B 247 -18.00 23.88 1.60
C PHE B 247 -17.98 24.52 0.21
N SER B 248 -18.33 25.80 0.15
CA SER B 248 -18.35 26.52 -1.12
C SER B 248 -16.93 26.75 -1.66
N VAL B 249 -15.98 26.91 -0.75
CA VAL B 249 -14.66 27.38 -1.09
C VAL B 249 -13.56 26.33 -0.92
N LEU B 250 -13.26 25.97 0.32
CA LEU B 250 -12.19 24.99 0.55
C LEU B 250 -12.27 23.75 -0.31
N ARG B 251 -13.47 23.24 -0.58
CA ARG B 251 -13.59 22.02 -1.40
C ARG B 251 -12.87 22.17 -2.73
N ILE B 252 -13.01 23.33 -3.38
CA ILE B 252 -12.39 23.54 -4.68
C ILE B 252 -10.90 23.23 -4.57
N TYR B 253 -10.24 23.86 -3.61
CA TYR B 253 -8.77 23.84 -3.61
C TYR B 253 -8.19 22.60 -3.01
N LEU B 254 -9.03 21.70 -2.54
CA LEU B 254 -8.52 20.41 -2.08
C LEU B 254 -8.60 19.32 -3.14
N SER B 255 -9.33 19.56 -4.22
CA SER B 255 -9.53 18.55 -5.24
C SER B 255 -8.24 18.24 -5.93
N GLY B 256 -8.04 16.99 -6.33
CA GLY B 256 -6.87 16.60 -7.10
C GLY B 256 -7.25 16.15 -8.49
N TRP B 257 -6.31 15.55 -9.20
CA TRP B 257 -6.59 15.09 -10.56
C TRP B 257 -6.43 13.58 -10.69
N LYS B 258 -7.17 12.84 -9.88
CA LYS B 258 -7.19 11.39 -9.97
C LYS B 258 -8.62 10.96 -9.73
N GLY B 259 -9.24 10.36 -10.75
CA GLY B 259 -10.68 10.12 -10.78
C GLY B 259 -11.46 11.41 -10.63
N ASN B 260 -10.97 12.47 -11.29
CA ASN B 260 -11.70 13.73 -11.30
C ASN B 260 -12.30 13.91 -12.69
N PRO B 261 -13.64 13.93 -12.77
CA PRO B 261 -14.37 14.24 -13.99
C PRO B 261 -13.78 15.46 -14.71
N GLN B 262 -13.63 16.59 -13.99
CA GLN B 262 -13.11 17.85 -14.57
C GLN B 262 -11.70 17.81 -15.18
N LEU B 263 -10.92 16.75 -14.89
CA LEU B 263 -9.56 16.56 -15.46
C LEU B 263 -9.22 15.14 -15.95
N SER B 264 -10.27 14.32 -16.11
CA SER B 264 -10.21 12.85 -16.33
C SER B 264 -8.89 12.16 -16.70
N ASP B 265 -7.98 12.85 -17.38
CA ASP B 265 -6.72 12.20 -17.80
C ASP B 265 -5.57 12.44 -16.82
N GLY B 266 -5.82 13.26 -15.81
CA GLY B 266 -4.77 13.70 -14.93
C GLY B 266 -4.29 15.04 -15.39
N LEU B 267 -3.09 15.43 -14.98
CA LEU B 267 -2.59 16.77 -15.26
C LEU B 267 -1.33 16.69 -16.10
N VAL B 268 -1.08 17.70 -16.93
CA VAL B 268 0.22 17.73 -17.61
C VAL B 268 1.17 18.72 -16.95
N TYR B 269 2.30 18.20 -16.52
CA TYR B 269 3.32 19.05 -15.95
C TYR B 269 4.27 19.38 -17.10
N GLU B 270 4.06 20.54 -17.71
CA GLU B 270 4.86 21.00 -18.82
C GLU B 270 6.34 21.04 -18.46
N GLY B 271 7.14 20.39 -19.31
CA GLY B 271 8.59 20.31 -19.11
C GLY B 271 9.09 19.01 -18.50
N PHE B 272 8.41 18.54 -17.44
CA PHE B 272 8.87 17.39 -16.69
C PHE B 272 8.25 16.11 -17.22
N TRP B 273 6.97 16.16 -17.58
CA TRP B 273 6.30 14.96 -18.09
C TRP B 273 5.64 15.17 -19.43
N GLU B 274 5.89 14.20 -20.30
CA GLU B 274 5.28 14.09 -21.60
C GLU B 274 3.76 13.94 -21.46
N ASP B 275 3.33 13.16 -20.47
CA ASP B 275 1.93 12.81 -20.35
C ASP B 275 1.19 13.46 -19.20
N PRO B 276 -0.15 13.38 -19.25
CA PRO B 276 -0.97 13.66 -18.08
C PRO B 276 -0.69 12.65 -16.96
N LYS B 277 -0.61 13.14 -15.72
CA LYS B 277 -0.43 12.28 -14.54
C LYS B 277 -1.54 12.53 -13.54
N GLU B 278 -2.09 11.43 -13.02
CA GLU B 278 -3.11 11.49 -11.97
C GLU B 278 -2.55 11.43 -10.54
N PHE B 279 -2.71 12.51 -9.78
CA PHE B 279 -2.39 12.52 -8.36
C PHE B 279 -3.62 12.87 -7.53
N ALA B 280 -3.74 12.27 -6.34
CA ALA B 280 -4.96 12.45 -5.53
C ALA B 280 -4.97 13.78 -4.75
N GLY B 281 -6.16 14.35 -4.55
CA GLY B 281 -6.33 15.57 -3.80
C GLY B 281 -6.05 15.42 -2.32
N GLY B 282 -6.48 16.40 -1.52
CA GLY B 282 -6.09 16.46 -0.14
C GLY B 282 -6.92 15.50 0.69
N SER B 283 -6.26 14.75 1.56
CA SER B 283 -7.01 13.89 2.45
C SER B 283 -6.33 13.75 3.81
N ALA B 284 -7.12 13.82 4.87
CA ALA B 284 -6.53 13.61 6.19
C ALA B 284 -6.19 12.13 6.39
N GLY B 285 -6.59 11.30 5.43
CA GLY B 285 -6.07 9.94 5.31
C GLY B 285 -4.56 10.00 5.22
N GLN B 286 -4.02 11.14 4.77
CA GLN B 286 -2.57 11.33 4.68
C GLN B 286 -1.91 11.63 6.04
N SER B 287 -2.73 11.89 7.07
CA SER B 287 -2.25 12.06 8.44
C SER B 287 -1.60 10.79 8.97
N SER B 288 -0.46 10.93 9.60
CA SER B 288 0.20 9.74 10.10
C SER B 288 -0.26 9.39 11.50
N VAL B 289 -0.96 10.32 12.15
CA VAL B 289 -1.40 10.14 13.52
C VAL B 289 -2.42 9.02 13.55
N PHE B 290 -3.51 9.15 12.82
CA PHE B 290 -4.51 8.12 12.90
C PHE B 290 -4.11 6.83 12.21
N GLN B 291 -3.11 6.88 11.34
CA GLN B 291 -2.70 5.66 10.71
C GLN B 291 -1.85 4.85 11.68
N CYS B 292 -1.07 5.56 12.48
CA CYS B 292 -0.17 4.88 13.36
C CYS B 292 -0.87 4.32 14.60
N PHE B 293 -2.05 4.83 14.93
CA PHE B 293 -2.83 4.18 15.97
C PHE B 293 -3.57 2.95 15.51
N ASP B 294 -4.11 3.04 14.30
CA ASP B 294 -4.68 1.89 13.64
C ASP B 294 -3.68 0.74 13.70
N VAL B 295 -2.41 1.04 13.38
CA VAL B 295 -1.35 0.04 13.37
C VAL B 295 -0.94 -0.43 14.78
N LEU B 296 -0.58 0.49 15.66
CA LEU B 296 -0.37 0.17 17.06
C LEU B 296 -1.40 -0.82 17.61
N LEU B 297 -2.66 -0.45 17.63
CA LEU B 297 -3.69 -1.31 18.18
C LEU B 297 -4.09 -2.43 17.24
N GLY B 298 -3.34 -2.57 16.15
CA GLY B 298 -3.60 -3.63 15.20
C GLY B 298 -5.03 -3.63 14.70
N ILE B 299 -5.53 -2.48 14.29
CA ILE B 299 -6.87 -2.38 13.69
C ILE B 299 -6.70 -2.68 12.20
N GLN B 300 -7.48 -3.63 11.69
CA GLN B 300 -7.27 -4.22 10.35
C GLN B 300 -7.49 -3.17 9.26
N GLN B 301 -6.73 -2.08 9.36
CA GLN B 301 -7.12 -0.85 8.67
C GLN B 301 -6.81 -0.89 7.20
N THR B 302 -5.75 -1.61 6.86
CA THR B 302 -5.25 -1.70 5.49
C THR B 302 -5.20 -3.14 4.96
N ALA B 303 -5.91 -4.05 5.62
CA ALA B 303 -6.07 -5.43 5.13
C ALA B 303 -7.46 -5.67 4.52
N GLY B 304 -7.59 -6.78 3.79
CA GLY B 304 -8.77 -7.05 3.00
C GLY B 304 -8.55 -6.51 1.60
N GLY B 305 -9.42 -5.61 1.17
CA GLY B 305 -9.30 -5.03 -0.17
C GLY B 305 -10.53 -4.27 -0.61
N GLY B 306 -11.31 -3.78 0.36
CA GLY B 306 -12.36 -2.81 0.06
C GLY B 306 -11.67 -1.54 -0.40
N HIS B 307 -12.40 -0.63 -1.05
CA HIS B 307 -11.87 0.69 -1.41
C HIS B 307 -11.06 1.27 -0.23
N ALA B 308 -11.69 1.38 0.94
CA ALA B 308 -11.08 1.96 2.13
C ALA B 308 -9.67 1.45 2.41
N ALA B 309 -9.49 0.14 2.47
CA ALA B 309 -8.14 -0.36 2.75
C ALA B 309 -7.17 0.05 1.66
N GLN B 310 -7.61 0.02 0.39
CA GLN B 310 -6.79 0.49 -0.74
C GLN B 310 -6.35 1.92 -0.49
N PHE B 311 -7.33 2.83 -0.51
CA PHE B 311 -7.14 4.27 -0.39
C PHE B 311 -6.13 4.64 0.69
N LEU B 312 -6.34 4.11 1.89
CA LEU B 312 -5.54 4.49 3.03
C LEU B 312 -4.12 4.05 2.80
N GLN B 313 -3.94 2.96 2.07
CA GLN B 313 -2.61 2.46 1.79
C GLN B 313 -1.91 3.43 0.84
N ASP B 314 -2.64 3.88 -0.18
CA ASP B 314 -2.12 4.85 -1.15
C ASP B 314 -1.69 6.14 -0.47
N MET B 315 -2.51 6.64 0.47
CA MET B 315 -2.21 7.88 1.12
C MET B 315 -0.88 7.83 1.83
N ARG B 316 -0.36 6.64 2.11
CA ARG B 316 0.99 6.57 2.69
C ARG B 316 2.06 7.11 1.76
N ARG B 317 1.83 6.99 0.46
CA ARG B 317 2.78 7.51 -0.51
C ARG B 317 2.75 9.03 -0.63
N TYR B 318 1.73 9.65 -0.03
CA TYR B 318 1.56 11.12 0.11
C TYR B 318 2.00 11.64 1.49
N MET B 319 2.61 10.78 2.31
CA MET B 319 3.25 11.20 3.58
C MET B 319 4.71 11.39 3.36
N PRO B 320 5.35 12.29 4.12
CA PRO B 320 6.82 12.50 4.04
C PRO B 320 7.54 11.21 4.32
N PRO B 321 8.62 10.89 3.56
CA PRO B 321 9.23 9.54 3.60
C PRO B 321 9.50 8.99 4.99
N ALA B 322 10.09 9.79 5.87
CA ALA B 322 10.38 9.33 7.24
C ALA B 322 9.15 8.87 8.05
N HIS B 323 8.01 9.52 7.81
CA HIS B 323 6.76 9.10 8.44
C HIS B 323 6.24 7.80 7.83
N ARG B 324 6.29 7.66 6.52
CA ARG B 324 5.93 6.39 5.93
C ARG B 324 6.83 5.30 6.48
N ASN B 325 8.11 5.59 6.62
CA ASN B 325 9.05 4.65 7.22
C ASN B 325 8.70 4.31 8.66
N PHE B 326 8.29 5.31 9.42
CA PHE B 326 7.94 5.08 10.79
C PHE B 326 6.71 4.14 10.89
N LEU B 327 5.74 4.35 9.99
CA LEU B 327 4.59 3.47 9.94
C LEU B 327 5.06 2.07 9.67
N CYS B 328 5.89 1.92 8.64
CA CYS B 328 6.50 0.67 8.29
C CYS B 328 7.10 -0.08 9.49
N SER B 329 7.90 0.61 10.28
CA SER B 329 8.52 -0.05 11.40
C SER B 329 7.49 -0.61 12.43
N LEU B 330 6.44 0.13 12.77
CA LEU B 330 5.41 -0.37 13.66
C LEU B 330 4.75 -1.63 13.16
N GLU B 331 4.52 -1.69 11.86
CA GLU B 331 3.82 -2.82 11.29
C GLU B 331 4.63 -4.07 11.40
N SER B 332 5.94 -3.91 11.44
CA SER B 332 6.80 -5.05 11.52
C SER B 332 7.16 -5.43 12.97
N ASN B 333 6.68 -4.66 13.94
CA ASN B 333 6.80 -5.10 15.30
C ASN B 333 5.67 -6.06 15.58
N PRO B 334 5.68 -6.70 16.76
CA PRO B 334 4.55 -7.62 16.70
C PRO B 334 3.32 -7.00 17.33
N SER B 335 2.18 -7.52 16.90
CA SER B 335 0.85 -7.06 17.22
C SER B 335 0.52 -6.90 18.71
N VAL B 336 0.22 -5.67 19.12
CA VAL B 336 -0.31 -5.41 20.45
C VAL B 336 -1.71 -6.02 20.64
N ARG B 337 -2.51 -6.08 19.59
CA ARG B 337 -3.77 -6.82 19.71
C ARG B 337 -3.50 -8.31 20.11
N GLU B 338 -2.57 -8.97 19.41
CA GLU B 338 -2.29 -10.39 19.62
C GLU B 338 -1.84 -10.70 21.04
N PHE B 339 -0.78 -10.02 21.45
CA PHE B 339 -0.35 -10.01 22.81
C PHE B 339 -1.53 -9.96 23.75
N VAL B 340 -2.19 -8.81 23.81
CA VAL B 340 -3.36 -8.68 24.66
C VAL B 340 -4.33 -9.84 24.48
N LEU B 341 -4.74 -10.15 23.27
CA LEU B 341 -5.59 -11.34 23.09
C LEU B 341 -5.10 -12.63 23.77
N SER B 342 -3.79 -12.88 23.72
CA SER B 342 -3.22 -14.14 24.15
C SER B 342 -2.93 -14.26 25.67
N LYS B 343 -3.20 -13.21 26.44
CA LYS B 343 -2.73 -13.19 27.83
C LYS B 343 -3.78 -13.49 28.86
N GLY B 344 -5.06 -13.54 28.44
CA GLY B 344 -6.19 -13.84 29.33
C GLY B 344 -6.14 -13.04 30.63
N ASP B 345 -5.94 -11.73 30.47
CA ASP B 345 -5.69 -10.76 31.52
C ASP B 345 -6.67 -9.59 31.31
N ALA B 346 -7.75 -9.59 32.09
CA ALA B 346 -8.90 -8.69 31.90
C ALA B 346 -8.53 -7.23 32.00
N GLY B 347 -7.82 -6.86 33.06
CA GLY B 347 -7.35 -5.49 33.22
C GLY B 347 -6.57 -5.05 31.99
N LEU B 348 -5.73 -5.95 31.49
CA LEU B 348 -5.00 -5.71 30.25
C LEU B 348 -5.92 -5.47 29.06
N ARG B 349 -6.90 -6.36 28.88
CA ARG B 349 -7.94 -6.23 27.88
C ARG B 349 -8.60 -4.87 27.93
N GLU B 350 -8.88 -4.40 29.13
CA GLU B 350 -9.58 -3.14 29.35
C GLU B 350 -8.78 -1.90 29.00
N ALA B 351 -7.49 -1.91 29.27
CA ALA B 351 -6.65 -0.84 28.80
C ALA B 351 -6.76 -0.81 27.28
N TYR B 352 -6.56 -1.96 26.63
CA TYR B 352 -6.62 -2.00 25.18
C TYR B 352 -7.96 -1.43 24.69
N ASP B 353 -9.08 -1.98 25.12
CA ASP B 353 -10.40 -1.37 24.84
C ASP B 353 -10.51 0.13 25.08
N ALA B 354 -9.92 0.69 26.15
CA ALA B 354 -10.02 2.16 26.41
C ALA B 354 -9.58 2.93 25.19
N CYS B 355 -8.42 2.52 24.67
CA CYS B 355 -7.84 3.02 23.44
C CYS B 355 -8.75 2.90 22.25
N VAL B 356 -9.21 1.69 21.98
CA VAL B 356 -10.10 1.48 20.84
C VAL B 356 -11.36 2.34 20.96
N LYS B 357 -11.89 2.49 22.18
CA LYS B 357 -13.07 3.27 22.47
C LYS B 357 -12.85 4.73 22.19
N ALA B 358 -11.64 5.19 22.48
CA ALA B 358 -11.29 6.59 22.34
C ALA B 358 -11.20 6.93 20.87
N LEU B 359 -10.71 5.99 20.11
CA LEU B 359 -10.57 6.18 18.72
C LEU B 359 -11.92 6.04 18.05
N VAL B 360 -12.87 5.34 18.67
CA VAL B 360 -14.17 5.33 18.04
C VAL B 360 -14.85 6.68 18.27
N SER B 361 -14.70 7.24 19.45
CA SER B 361 -15.25 8.58 19.68
C SER B 361 -14.77 9.63 18.65
N LEU B 362 -13.46 9.74 18.48
CA LEU B 362 -12.91 10.68 17.53
C LEU B 362 -13.64 10.54 16.20
N ARG B 363 -13.66 9.33 15.67
CA ARG B 363 -14.22 9.10 14.34
C ARG B 363 -15.70 9.35 14.29
N SER B 364 -16.34 9.11 15.43
CA SER B 364 -17.74 9.36 15.57
C SER B 364 -18.07 10.82 15.63
N TYR B 365 -17.23 11.62 16.30
CA TYR B 365 -17.36 13.05 16.32
C TYR B 365 -17.04 13.63 14.92
N HIS B 366 -15.90 13.23 14.36
CA HIS B 366 -15.56 13.61 13.01
C HIS B 366 -16.73 13.38 12.04
N LEU B 367 -17.50 12.29 12.20
CA LEU B 367 -18.64 12.03 11.27
C LEU B 367 -19.76 13.03 11.43
N GLN B 368 -20.05 13.37 12.67
CA GLN B 368 -21.07 14.33 12.96
C GLN B 368 -20.66 15.66 12.33
N ILE B 369 -19.36 16.00 12.43
CA ILE B 369 -18.81 17.20 11.81
C ILE B 369 -19.00 17.19 10.30
N VAL B 370 -18.66 16.07 9.67
CA VAL B 370 -18.89 15.86 8.24
C VAL B 370 -20.37 16.04 7.83
N THR B 371 -21.31 15.55 8.62
CA THR B 371 -22.72 15.85 8.33
C THR B 371 -22.94 17.36 8.22
N LYS B 372 -22.59 18.09 9.29
CA LYS B 372 -22.77 19.54 9.32
C LYS B 372 -22.02 20.34 8.22
N TYR B 373 -20.73 20.06 8.01
CA TYR B 373 -19.89 20.87 7.11
C TYR B 373 -19.89 20.39 5.68
N ILE B 374 -20.48 19.24 5.43
CA ILE B 374 -20.54 18.78 4.06
C ILE B 374 -21.95 18.34 3.63
N LEU B 375 -22.52 17.38 4.33
CA LEU B 375 -23.76 16.76 3.88
C LEU B 375 -24.91 17.75 3.65
N ILE B 376 -25.09 18.62 4.64
CA ILE B 376 -26.11 19.63 4.57
C ILE B 376 -25.80 20.70 3.53
N PRO B 377 -24.67 21.41 3.67
CA PRO B 377 -24.36 22.39 2.63
C PRO B 377 -24.61 21.87 1.21
N ALA B 378 -24.31 20.59 0.98
CA ALA B 378 -24.47 19.97 -0.33
C ALA B 378 -25.93 19.77 -0.64
N SER B 379 -26.75 19.83 0.39
CA SER B 379 -28.20 19.76 0.20
C SER B 379 -28.80 21.13 -0.17
N GLN B 380 -27.92 22.12 -0.40
CA GLN B 380 -28.28 23.51 -0.78
C GLN B 380 -27.19 24.11 -1.67
N GLY B 400 -20.83 11.60 -4.85
CA GLY B 400 -20.05 12.66 -4.22
C GLY B 400 -19.93 12.52 -2.71
N GLY B 401 -20.89 13.09 -1.98
CA GLY B 401 -20.90 13.18 -0.51
C GLY B 401 -21.21 11.91 0.28
N THR B 402 -22.28 11.22 -0.06
CA THR B 402 -22.60 9.92 0.53
C THR B 402 -21.45 8.91 0.31
N ASP B 403 -20.77 9.03 -0.82
CA ASP B 403 -19.56 8.28 -1.07
C ASP B 403 -18.48 8.48 0.03
N LEU B 404 -18.30 9.74 0.44
CA LEU B 404 -17.39 10.12 1.51
C LEU B 404 -17.85 9.54 2.85
N MET B 405 -19.14 9.70 3.18
CA MET B 405 -19.74 9.05 4.35
C MET B 405 -19.46 7.54 4.43
N ASN B 406 -19.57 6.85 3.32
CA ASN B 406 -19.41 5.42 3.36
C ASN B 406 -18.00 5.09 3.73
N PHE B 407 -17.06 5.79 3.12
CA PHE B 407 -15.67 5.65 3.53
C PHE B 407 -15.45 5.86 5.03
N LEU B 408 -15.95 6.97 5.56
CA LEU B 408 -15.81 7.24 6.98
C LEU B 408 -16.42 6.12 7.86
N LYS B 409 -17.68 5.80 7.60
CA LYS B 409 -18.39 4.80 8.35
C LYS B 409 -17.65 3.45 8.32
N THR B 410 -17.16 3.06 7.16
CA THR B 410 -16.37 1.86 7.05
C THR B 410 -15.13 1.91 7.93
N VAL B 411 -14.35 3.00 7.88
CA VAL B 411 -13.21 3.08 8.77
C VAL B 411 -13.67 3.03 10.22
N ARG B 412 -14.80 3.69 10.55
CA ARG B 412 -15.22 3.78 11.93
C ARG B 412 -15.63 2.40 12.39
N SER B 413 -16.25 1.67 11.46
CA SER B 413 -16.77 0.35 11.73
C SER B 413 -15.67 -0.62 12.03
N THR B 414 -14.65 -0.63 11.18
CA THR B 414 -13.52 -1.47 11.40
C THR B 414 -12.94 -1.20 12.78
N THR B 415 -12.91 0.07 13.19
CA THR B 415 -12.31 0.42 14.46
C THR B 415 -13.10 -0.25 15.57
N GLU B 416 -14.40 -0.36 15.37
CA GLU B 416 -15.32 -0.71 16.44
C GLU B 416 -15.30 -2.22 16.64
N LYS B 417 -15.19 -2.93 15.51
CA LYS B 417 -15.05 -4.38 15.47
C LYS B 417 -13.73 -4.83 16.08
N SER B 418 -12.85 -3.88 16.41
CA SER B 418 -11.63 -4.23 17.09
C SER B 418 -11.79 -4.38 18.59
N LEU B 419 -12.91 -3.89 19.14
CA LEU B 419 -13.13 -4.01 20.59
C LEU B 419 -13.03 -5.48 20.97
N LEU B 420 -12.36 -5.73 22.09
CA LEU B 420 -12.02 -7.07 22.53
C LEU B 420 -13.15 -7.69 23.28
N LYS B 421 -13.63 -6.97 24.29
CA LYS B 421 -14.81 -7.39 25.01
C LYS B 421 -15.99 -6.80 24.27
N GLU B 422 -16.16 -7.34 23.05
CA GLU B 422 -17.38 -7.31 22.25
C GLU B 422 -17.87 -8.76 22.16
N GLY B 423 -17.03 -9.68 22.65
CA GLY B 423 -17.44 -11.04 22.98
C GLY B 423 -17.55 -11.17 24.50
CHA HEM C . 2.84 -11.51 -14.74
CHB HEM C . 1.41 -15.06 -17.69
CHC HEM C . 5.05 -17.74 -16.04
CHD HEM C . 6.41 -14.25 -13.07
C1A HEM C . 2.15 -12.23 -15.67
C2A HEM C . 1.02 -11.76 -16.40
C3A HEM C . 0.63 -12.76 -17.20
C4A HEM C . 1.49 -13.87 -16.99
CMA HEM C . -0.53 -12.71 -18.18
CAA HEM C . 0.34 -10.41 -16.38
CBA HEM C . 0.22 -9.83 -15.00
CGA HEM C . -0.99 -10.42 -14.31
O1A HEM C . -0.91 -10.67 -13.10
O2A HEM C . -2.06 -10.65 -14.90
C1B HEM C . 2.36 -16.08 -17.51
C2B HEM C . 2.31 -17.28 -18.25
C3B HEM C . 3.34 -18.06 -17.79
C4B HEM C . 3.99 -17.26 -16.75
CMB HEM C . 1.30 -17.59 -19.32
CAB HEM C . 3.76 -19.41 -18.18
CBB HEM C . 2.84 -20.28 -18.65
C1C HEM C . 5.71 -17.07 -15.06
C2C HEM C . 6.73 -17.60 -14.28
C3C HEM C . 7.15 -16.60 -13.43
C4C HEM C . 6.33 -15.47 -13.69
CMC HEM C . 7.27 -18.98 -14.41
CAC HEM C . 8.23 -16.70 -12.42
CBC HEM C . 7.99 -16.44 -11.13
C1D HEM C . 5.55 -13.23 -13.37
C2D HEM C . 5.68 -11.92 -12.69
C3D HEM C . 4.67 -11.17 -13.14
C4D HEM C . 3.94 -12.01 -14.11
CMD HEM C . 6.69 -11.46 -11.68
CAD HEM C . 4.41 -9.73 -12.76
CBD HEM C . 5.03 -8.88 -13.87
CGD HEM C . 6.50 -8.52 -13.63
O1D HEM C . 7.28 -8.38 -14.61
O2D HEM C . 6.97 -8.31 -12.47
NA HEM C . 2.40 -13.55 -16.00
NB HEM C . 3.34 -16.15 -16.61
NC HEM C . 5.42 -15.83 -14.65
ND HEM C . 4.49 -13.24 -14.20
FE HEM C . 3.93 -14.61 -15.35
C24 PKJ D . -0.11 -16.48 -9.68
C28 PKJ D . -0.26 -18.77 -10.33
C25 PKJ D . -1.16 -16.64 -8.81
C27 PKJ D . -1.31 -18.95 -9.45
C5 PKJ D . -4.34 -13.86 -17.48
C6 PKJ D . -5.00 -14.29 -18.61
C12 PKJ D . -3.27 -16.03 -17.14
C23 PKJ D . 0.34 -17.54 -10.45
C26 PKJ D . -1.75 -17.87 -8.70
C4 PKJ D . -3.50 -14.71 -16.77
C7 PKJ D . -4.77 -15.60 -18.96
C11 PKJ D . -3.95 -16.45 -18.25
C18 PKJ D . 2.73 -16.32 -13.05
C15 PKJ D . 0.76 -15.54 -13.03
C20 PKJ D . 2.66 -17.96 -11.19
C21 PKJ D . 1.49 -17.32 -11.36
C2 PKJ D . -2.07 -15.12 -14.92
C9 PKJ D . -4.64 -17.52 -19.95
C29 PKJ D . -2.88 -18.10 -7.79
C13 PKJ D . -1.50 -14.33 -13.78
N17 PKJ D . 2.70 -15.46 -14.02
N16 PKJ D . 1.42 -14.95 -14.02
N22 PKJ D . 1.57 -16.42 -12.40
N3 PKJ D . -2.85 -14.26 -15.66
O1 PKJ D . -1.87 -16.29 -15.17
O8 PKJ D . -5.32 -16.24 -20.04
O10 PKJ D . -3.85 -17.71 -18.77
S19 PKJ D . 3.85 -17.44 -12.34
S14 PKJ D . -0.88 -15.41 -12.49
CHA HEM E . -11.10 12.22 6.58
CHB HEM E . -14.10 15.99 6.36
CHC HEM E . -11.80 18.02 10.14
CHD HEM E . -9.16 14.02 10.56
C1A HEM E . -12.07 13.11 6.20
C2A HEM E . -12.91 12.89 5.07
C3A HEM E . -13.74 13.95 5.00
C4A HEM E . -13.45 14.81 6.09
CMA HEM E . -14.77 14.13 3.94
CAA HEM E . -12.92 11.73 4.09
CBA HEM E . -11.49 11.41 3.63
CGA HEM E . -11.19 12.09 2.34
O1A HEM E . -10.01 12.04 1.92
O2A HEM E . -12.07 12.72 1.70
C1B HEM E . -13.72 16.86 7.40
C2B HEM E . -14.39 18.09 7.63
C3B HEM E . -13.76 18.67 8.71
C4B HEM E . -12.68 17.75 9.12
CMB HEM E . -15.57 18.63 6.82
CAB HEM E . -14.04 19.96 9.34
CBB HEM E . -14.58 20.96 8.66
C1C HEM E . -10.83 17.14 10.59
C2C HEM E . -9.87 17.35 11.60
C3C HEM E . -9.12 16.20 11.71
C4C HEM E . -9.65 15.28 10.74
CMC HEM E . -9.67 18.58 12.45
CAC HEM E . -8.00 15.93 12.65
CBC HEM E . -6.73 15.87 12.22
C1D HEM E . -9.52 13.24 9.51
C2D HEM E . -8.87 11.92 9.31
C3D HEM E . -9.43 11.40 8.20
C4D HEM E . -10.40 12.42 7.75
CMD HEM E . -7.80 11.27 10.16
CAD HEM E . -9.08 10.07 7.56
CBD HEM E . -10.13 8.98 7.77
CGD HEM E . -10.02 8.31 9.12
O1D HEM E . -11.05 8.07 9.79
O2D HEM E . -8.92 7.97 9.59
NA HEM E . -12.39 14.32 6.77
NB HEM E . -12.73 16.72 8.27
NC HEM E . -10.62 15.92 10.04
ND HEM E . -10.40 13.52 8.55
FE HEM E . -11.53 15.05 8.39
C24 PKJ F . -6.44 19.76 4.97
C28 PKJ F . -6.25 17.47 4.37
C25 PKJ F . -5.62 20.11 3.92
C27 PKJ F . -5.44 17.80 3.30
C5 PKJ F . -13.40 18.53 2.16
C6 PKJ F . -14.46 19.37 1.87
C12 PKJ F . -14.16 16.81 0.63
C23 PKJ F . -6.76 18.43 5.21
C26 PKJ F . -5.12 19.13 3.08
C4 PKJ F . -13.27 17.29 1.55
C7 PKJ F . -15.33 18.87 0.94
C11 PKJ F . -15.20 17.64 0.34
C18 PKJ F . -9.34 16.78 7.30
C15 PKJ F . -9.34 16.46 5.21
C20 PKJ F . -7.47 18.33 7.59
C21 PKJ F . -7.64 17.99 6.31
C2 PKJ F . -11.49 16.71 2.96
C9 PKJ F . -17.08 18.41 -0.19
C29 PKJ F . -4.25 19.47 1.94
C13 PKJ F . -10.35 15.73 2.96
N17 PKJ F . -10.33 15.93 7.11
N16 PKJ F . -10.32 15.73 5.74
N22 PKJ F . -8.69 17.13 6.18
N3 PKJ F . -12.22 16.45 1.84
O1 PKJ F . -11.72 17.59 3.78
O8 PKJ F . -16.44 19.51 0.49
O10 PKJ F . -16.19 17.34 -0.55
S19 PKJ F . -8.64 17.57 8.66
S14 PKJ F . -8.87 16.61 3.52
#